data_1AHU
#
_entry.id   1AHU
#
_cell.length_a   128.820
_cell.length_b   128.820
_cell.length_c   130.790
_cell.angle_alpha   90.00
_cell.angle_beta   90.00
_cell.angle_gamma   90.00
#
_symmetry.space_group_name_H-M   'I 4'
#
loop_
_entity.id
_entity.type
_entity.pdbx_description
1 polymer 'VANILLYL-ALCOHOL OXIDASE'
2 non-polymer 'N5-(4-HYDROXYBENZYL)FLAVIN-ADENINE DINUCLEOTIDE'
3 water water
#
_entity_poly.entity_id   1
_entity_poly.type   'polypeptide(L)'
_entity_poly.pdbx_seq_one_letter_code
;MSKTQEFRPLTLPPKLSLSDFNEFIQDIIRIVGSENVEVISSKDQIVDGSYMKPTHTHDPHHVMDQDYFLASAIVAPRNV
ADVQSIVGLANKFSFPLWPISIGRNSGYGGAAPRVSGSVVLDMGKNMNRVLEVNVEGAYCVVEPGVTYHDLHNYLEANNL
RDKLWLDVPDLGGGSVLGNAVERGVGYTPYGDHWMMHSGMEVVLANGELLRTGMGALPDPKRPETMGLKPEDQPWSKIAH
LFPYGFGPYIDGLFSQSNMGIVTKIGIWLMPNPRGYQSYLITLPKDGDLKQAVDIIRPLRLGMALQNVPTIRHILLDAAV
LGDKRSYSSRTEPLSDEELDKIAKQLNLGRWNFYGALYGPEPIRRVLWETIKDAFSAIPGVKFYFPEDTPENSVLRVRDK
TMQGIPTYDELKWIDWLPNGAHLFFSPIAKVSGEDAMMQYAVTKKRCQEAGLDFIGTFTVGMREMHHIVCIVFNKKDLIQ
KRKVQWLMRTLIDDCAANGWGEYRTHLAFMDQIMETYNWNNSSFLRFNEVLKNAVDPNGIIAPGKSGVWPSQYSHVTWKL
;
_entity_poly.pdbx_strand_id   A,B
#
# COMPACT_ATOMS: atom_id res chain seq x y z
N GLU A 6 -42.05 1.43 11.88
CA GLU A 6 -41.11 0.70 12.76
C GLU A 6 -41.37 -0.81 12.82
N PHE A 7 -42.65 -1.14 12.86
CA PHE A 7 -43.17 -2.50 12.92
C PHE A 7 -43.05 -3.48 11.75
N ARG A 8 -43.21 -3.03 10.50
CA ARG A 8 -43.16 -4.00 9.42
C ARG A 8 -42.55 -3.52 8.13
N PRO A 9 -41.24 -3.63 8.06
CA PRO A 9 -40.48 -3.23 6.90
C PRO A 9 -40.95 -4.11 5.75
N LEU A 10 -40.62 -3.73 4.51
CA LEU A 10 -41.02 -4.52 3.37
C LEU A 10 -40.07 -5.67 3.19
N THR A 11 -38.94 -5.67 3.89
CA THR A 11 -38.07 -6.80 3.67
C THR A 11 -37.23 -7.24 4.81
N LEU A 12 -37.32 -8.53 5.08
CA LEU A 12 -36.51 -9.02 6.17
C LEU A 12 -35.28 -9.61 5.56
N PRO A 13 -34.27 -9.56 6.40
CA PRO A 13 -32.95 -10.09 6.13
C PRO A 13 -33.23 -11.56 6.28
N PRO A 14 -32.20 -12.36 6.10
CA PRO A 14 -32.42 -13.78 6.24
C PRO A 14 -32.66 -14.36 7.63
N LYS A 15 -33.52 -15.38 7.62
CA LYS A 15 -33.94 -16.17 8.78
C LYS A 15 -34.47 -15.28 9.85
N LEU A 16 -34.79 -14.06 9.49
CA LEU A 16 -35.27 -13.25 10.57
C LEU A 16 -36.76 -13.21 10.82
N SER A 17 -37.17 -13.30 12.08
CA SER A 17 -38.60 -13.25 12.38
C SER A 17 -39.02 -11.79 12.56
N LEU A 18 -40.30 -11.59 12.33
CA LEU A 18 -40.81 -10.25 12.47
C LEU A 18 -40.63 -9.76 13.88
N SER A 19 -40.98 -10.60 14.86
CA SER A 19 -40.82 -10.12 16.22
C SER A 19 -39.40 -9.70 16.48
N ASP A 20 -38.49 -10.56 16.04
CA ASP A 20 -37.09 -10.26 16.22
C ASP A 20 -36.74 -8.93 15.59
N PHE A 21 -37.15 -8.73 14.34
CA PHE A 21 -36.85 -7.45 13.69
C PHE A 21 -37.22 -6.32 14.60
N ASN A 22 -38.46 -6.44 15.05
CA ASN A 22 -39.10 -5.50 15.95
C ASN A 22 -38.38 -5.26 17.22
N GLU A 23 -37.87 -6.35 17.80
CA GLU A 23 -37.16 -6.18 19.06
C GLU A 23 -35.85 -5.47 18.71
N PHE A 24 -35.15 -6.04 17.73
CA PHE A 24 -33.89 -5.50 17.27
C PHE A 24 -34.11 -4.03 16.97
N ILE A 25 -35.04 -3.79 16.05
CA ILE A 25 -35.28 -2.41 15.68
C ILE A 25 -35.63 -1.58 16.93
N GLN A 26 -36.38 -2.15 17.87
CA GLN A 26 -36.72 -1.41 19.10
C GLN A 26 -35.60 -0.93 20.00
N ASP A 27 -34.69 -1.87 20.29
CA ASP A 27 -33.55 -1.56 21.13
C ASP A 27 -32.73 -0.52 20.39
N ILE A 28 -32.73 -0.65 19.09
CA ILE A 28 -31.96 0.31 18.37
C ILE A 28 -32.54 1.72 18.50
N ILE A 29 -33.86 1.84 18.46
CA ILE A 29 -34.42 3.17 18.59
C ILE A 29 -34.04 3.61 20.01
N ARG A 30 -34.15 2.65 20.93
CA ARG A 30 -33.83 2.85 22.34
C ARG A 30 -32.40 3.29 22.62
N ILE A 31 -31.68 3.70 21.57
CA ILE A 31 -30.30 4.16 21.79
C ILE A 31 -29.98 5.33 20.89
N VAL A 32 -30.07 5.12 19.59
CA VAL A 32 -29.77 6.18 18.64
C VAL A 32 -30.88 7.19 18.48
N GLY A 33 -32.02 6.93 19.11
CA GLY A 33 -33.09 7.88 18.96
C GLY A 33 -33.84 7.51 17.69
N SER A 34 -35.12 7.77 17.86
CA SER A 34 -36.17 7.57 16.88
C SER A 34 -35.74 8.42 15.72
N GLU A 35 -34.91 9.40 16.04
CA GLU A 35 -34.42 10.27 15.00
C GLU A 35 -33.47 9.59 14.04
N ASN A 36 -32.75 8.66 14.62
CA ASN A 36 -31.77 7.90 13.92
C ASN A 36 -32.11 6.68 13.16
N VAL A 37 -33.40 6.43 13.15
CA VAL A 37 -33.82 5.24 12.46
C VAL A 37 -35.00 5.47 11.55
N GLU A 38 -34.94 4.82 10.41
CA GLU A 38 -36.05 5.00 9.51
C GLU A 38 -36.41 3.63 9.07
N VAL A 39 -37.61 3.26 9.47
CA VAL A 39 -38.08 1.96 9.06
C VAL A 39 -38.83 1.99 7.75
N ILE A 40 -38.41 1.06 6.91
CA ILE A 40 -39.00 0.89 5.60
C ILE A 40 -40.16 -0.08 5.44
N SER A 41 -41.33 0.46 5.84
CA SER A 41 -42.67 -0.13 5.86
C SER A 41 -43.46 -0.29 4.57
N SER A 42 -43.34 0.62 3.62
CA SER A 42 -44.11 0.41 2.39
C SER A 42 -43.43 0.97 1.16
N LYS A 43 -43.85 0.42 0.04
CA LYS A 43 -43.31 0.80 -1.25
C LYS A 43 -43.19 2.30 -1.50
N ASP A 44 -43.94 3.12 -0.79
CA ASP A 44 -43.88 4.58 -0.96
C ASP A 44 -42.46 5.17 -0.85
N GLN A 45 -41.47 4.27 -0.87
CA GLN A 45 -40.01 4.42 -0.82
C GLN A 45 -39.51 4.78 -2.21
N ILE A 46 -40.46 4.63 -3.14
CA ILE A 46 -40.40 4.83 -4.58
C ILE A 46 -39.48 6.00 -4.89
N VAL A 47 -39.39 6.84 -3.87
CA VAL A 47 -38.58 8.03 -3.86
C VAL A 47 -37.13 7.57 -3.95
N ASP A 48 -36.62 7.75 -5.16
CA ASP A 48 -35.26 7.44 -5.58
C ASP A 48 -34.29 8.45 -5.00
N GLY A 49 -34.62 9.73 -4.99
CA GLY A 49 -33.60 10.59 -4.43
C GLY A 49 -33.27 11.86 -5.21
N SER A 50 -31.96 12.02 -5.37
CA SER A 50 -31.31 13.13 -6.06
C SER A 50 -29.85 12.91 -5.71
N TYR A 51 -28.94 13.69 -6.28
CA TYR A 51 -27.53 13.51 -5.94
C TYR A 51 -27.41 14.45 -4.77
N MET A 52 -28.25 15.48 -4.76
CA MET A 52 -28.20 16.43 -3.66
C MET A 52 -28.54 15.81 -2.30
N LYS A 53 -29.51 14.90 -2.27
CA LYS A 53 -29.85 14.23 -1.02
C LYS A 53 -30.35 12.86 -1.34
N PRO A 54 -29.35 12.00 -1.25
CA PRO A 54 -29.46 10.60 -1.54
C PRO A 54 -30.41 9.75 -0.67
N THR A 55 -30.91 8.71 -1.34
CA THR A 55 -31.80 7.74 -0.75
C THR A 55 -30.85 6.66 -0.29
N HIS A 56 -31.11 6.17 0.90
CA HIS A 56 -30.24 5.13 1.38
C HIS A 56 -30.81 3.70 1.30
N THR A 57 -32.10 3.68 1.06
CA THR A 57 -32.85 2.44 0.97
C THR A 57 -32.49 1.52 -0.18
N HIS A 58 -32.07 2.14 -1.28
CA HIS A 58 -31.73 1.38 -2.46
C HIS A 58 -30.84 2.09 -3.46
N ASP A 59 -30.86 1.40 -4.60
CA ASP A 59 -30.17 1.72 -5.84
C ASP A 59 -31.08 2.70 -6.61
N PRO A 60 -30.61 3.94 -6.69
CA PRO A 60 -31.30 5.04 -7.35
C PRO A 60 -31.37 4.68 -8.81
N HIS A 61 -30.20 4.59 -9.46
CA HIS A 61 -30.07 4.24 -10.88
C HIS A 61 -30.37 2.77 -10.76
N HIS A 62 -31.62 2.34 -10.86
CA HIS A 62 -31.82 0.91 -10.71
C HIS A 62 -31.82 0.03 -11.94
N VAL A 63 -30.92 -0.94 -11.94
CA VAL A 63 -30.74 -1.89 -13.04
C VAL A 63 -31.62 -3.14 -12.83
N MET A 64 -31.61 -3.68 -11.60
CA MET A 64 -32.43 -4.86 -11.34
C MET A 64 -33.79 -4.25 -10.97
N ASP A 65 -34.59 -5.00 -10.23
CA ASP A 65 -35.90 -4.54 -9.82
C ASP A 65 -35.48 -3.31 -8.99
N GLN A 66 -36.16 -2.15 -9.01
CA GLN A 66 -35.69 -0.98 -8.22
C GLN A 66 -35.48 -1.43 -6.77
N ASP A 67 -36.56 -2.01 -6.29
CA ASP A 67 -36.78 -2.62 -5.00
C ASP A 67 -35.89 -3.87 -4.82
N TYR A 68 -35.12 -4.27 -5.83
CA TYR A 68 -34.27 -5.47 -5.74
C TYR A 68 -33.33 -5.56 -4.52
N PHE A 69 -32.34 -4.65 -4.41
CA PHE A 69 -31.41 -4.60 -3.26
C PHE A 69 -32.01 -3.55 -2.31
N LEU A 70 -32.45 -3.96 -1.13
CA LEU A 70 -33.06 -2.99 -0.25
C LEU A 70 -33.05 -3.17 1.27
N ALA A 71 -32.86 -2.06 1.94
CA ALA A 71 -32.79 -2.01 3.39
C ALA A 71 -34.06 -2.49 4.05
N SER A 72 -33.97 -2.82 5.33
CA SER A 72 -35.17 -3.23 6.03
C SER A 72 -35.41 -1.89 6.76
N ALA A 73 -34.34 -1.16 7.10
CA ALA A 73 -34.44 0.13 7.80
C ALA A 73 -33.11 0.81 7.83
N ILE A 74 -33.07 2.04 8.31
CA ILE A 74 -31.76 2.66 8.30
C ILE A 74 -31.36 3.27 9.60
N VAL A 75 -30.08 3.15 9.85
CA VAL A 75 -29.73 3.70 11.11
C VAL A 75 -28.52 4.58 11.10
N ALA A 76 -28.80 5.71 11.75
CA ALA A 76 -27.80 6.73 11.89
C ALA A 76 -27.11 6.56 13.25
N PRO A 77 -25.96 5.87 13.31
CA PRO A 77 -25.27 5.76 14.59
C PRO A 77 -24.83 7.22 14.77
N ARG A 78 -24.98 7.72 16.01
CA ARG A 78 -24.65 9.08 16.51
C ARG A 78 -23.18 9.20 16.90
N ASN A 79 -22.54 8.09 17.26
CA ASN A 79 -21.14 8.07 17.68
C ASN A 79 -20.60 6.63 17.62
N VAL A 80 -19.29 6.47 17.65
CA VAL A 80 -18.73 5.11 17.58
C VAL A 80 -19.30 4.07 18.51
N ALA A 81 -19.53 4.51 19.74
CA ALA A 81 -20.05 3.62 20.75
C ALA A 81 -21.34 3.08 20.18
N ASP A 82 -22.01 3.98 19.49
CA ASP A 82 -23.26 3.57 18.88
C ASP A 82 -23.02 2.43 17.92
N VAL A 83 -22.11 2.68 16.99
CA VAL A 83 -21.79 1.67 16.01
C VAL A 83 -21.50 0.38 16.75
N GLN A 84 -20.72 0.52 17.82
CA GLN A 84 -20.41 -0.66 18.60
C GLN A 84 -21.59 -1.41 19.15
N SER A 85 -22.57 -0.68 19.65
CA SER A 85 -23.74 -1.35 20.23
C SER A 85 -24.60 -2.15 19.23
N ILE A 86 -24.77 -1.56 18.06
CA ILE A 86 -25.56 -2.11 16.98
C ILE A 86 -24.89 -3.35 16.49
N VAL A 87 -23.57 -3.27 16.45
CA VAL A 87 -22.82 -4.43 16.00
C VAL A 87 -23.24 -5.54 16.94
N GLY A 88 -23.29 -5.16 18.21
CA GLY A 88 -23.67 -6.12 19.22
C GLY A 88 -25.04 -6.71 18.92
N LEU A 89 -25.98 -5.85 18.60
CA LEU A 89 -27.32 -6.29 18.29
C LEU A 89 -27.39 -7.08 17.03
N ALA A 90 -26.71 -6.57 16.00
CA ALA A 90 -26.68 -7.25 14.72
C ALA A 90 -26.12 -8.62 15.14
N ASN A 91 -25.17 -8.60 16.06
CA ASN A 91 -24.74 -9.93 16.42
C ASN A 91 -25.73 -10.68 17.24
N LYS A 92 -26.40 -10.01 18.16
CA LYS A 92 -27.35 -10.75 18.98
C LYS A 92 -28.37 -11.41 18.08
N PHE A 93 -28.95 -10.65 17.17
CA PHE A 93 -29.93 -11.16 16.22
C PHE A 93 -29.46 -11.65 14.89
N SER A 94 -28.18 -11.54 14.62
CA SER A 94 -27.77 -12.02 13.32
C SER A 94 -28.42 -11.17 12.24
N PHE A 95 -28.57 -9.88 12.52
CA PHE A 95 -29.17 -9.01 11.54
C PHE A 95 -27.91 -8.48 10.85
N PRO A 96 -27.76 -8.53 9.53
CA PRO A 96 -26.52 -7.99 9.04
C PRO A 96 -26.64 -6.51 8.66
N LEU A 97 -25.46 -5.90 8.65
CA LEU A 97 -25.33 -4.50 8.31
C LEU A 97 -24.78 -4.02 6.96
N TRP A 98 -25.16 -2.81 6.56
CA TRP A 98 -24.65 -2.27 5.31
C TRP A 98 -24.27 -0.84 5.64
N PRO A 99 -22.97 -0.74 5.89
CA PRO A 99 -22.34 0.51 6.27
C PRO A 99 -22.02 1.43 5.11
N ILE A 100 -22.38 2.68 5.29
CA ILE A 100 -22.05 3.55 4.20
C ILE A 100 -21.75 4.89 4.88
N SER A 101 -20.89 5.69 4.27
CA SER A 101 -20.45 7.03 4.72
C SER A 101 -21.38 8.03 4.10
N ILE A 102 -21.28 8.05 2.79
CA ILE A 102 -22.09 8.94 1.99
C ILE A 102 -23.47 8.59 1.44
N GLY A 103 -23.55 7.71 0.45
CA GLY A 103 -24.85 7.38 -0.08
C GLY A 103 -24.66 7.42 -1.57
N ARG A 104 -23.61 8.15 -1.92
CA ARG A 104 -23.23 8.38 -3.29
C ARG A 104 -22.62 7.29 -4.16
N ASN A 105 -22.53 6.06 -3.65
CA ASN A 105 -21.95 5.04 -4.51
C ASN A 105 -22.79 4.69 -5.77
N SER A 106 -23.43 5.74 -6.29
CA SER A 106 -24.29 5.78 -7.48
C SER A 106 -23.44 5.30 -8.67
N GLY A 107 -24.01 4.46 -9.53
CA GLY A 107 -23.28 3.92 -10.68
C GLY A 107 -22.56 2.68 -10.17
N TYR A 108 -22.87 2.39 -8.91
CA TYR A 108 -22.32 1.24 -8.20
C TYR A 108 -23.39 0.64 -7.28
N GLY A 109 -24.46 1.40 -7.07
CA GLY A 109 -25.55 0.90 -6.24
C GLY A 109 -26.08 1.88 -5.21
N GLY A 110 -25.26 2.89 -4.89
CA GLY A 110 -25.62 3.90 -3.89
C GLY A 110 -25.70 3.24 -2.49
N ALA A 111 -26.72 3.67 -1.75
CA ALA A 111 -26.93 3.14 -0.41
C ALA A 111 -27.56 1.73 -0.35
N ALA A 112 -27.95 1.19 -1.48
CA ALA A 112 -28.55 -0.13 -1.50
C ALA A 112 -27.60 -1.20 -0.97
N PRO A 113 -28.09 -2.02 -0.04
CA PRO A 113 -27.31 -3.11 0.59
C PRO A 113 -27.32 -4.30 -0.37
N ARG A 114 -26.23 -5.06 -0.42
CA ARG A 114 -26.09 -6.22 -1.30
C ARG A 114 -27.25 -7.16 -0.94
N VAL A 115 -27.34 -7.48 0.34
CA VAL A 115 -28.44 -8.34 0.78
C VAL A 115 -29.63 -7.52 1.22
N SER A 116 -30.78 -7.78 0.63
CA SER A 116 -31.94 -7.02 1.03
C SER A 116 -32.48 -7.35 2.45
N GLY A 117 -33.12 -6.35 3.07
CA GLY A 117 -33.68 -6.52 4.40
C GLY A 117 -32.64 -6.22 5.45
N SER A 118 -31.47 -5.82 4.95
CA SER A 118 -30.35 -5.48 5.78
C SER A 118 -30.50 -4.11 6.43
N VAL A 119 -29.57 -3.84 7.32
CA VAL A 119 -29.60 -2.55 7.95
C VAL A 119 -28.59 -1.61 7.35
N VAL A 120 -29.13 -0.50 6.87
CA VAL A 120 -28.22 0.48 6.33
C VAL A 120 -27.70 1.35 7.46
N LEU A 121 -26.38 1.34 7.55
CA LEU A 121 -25.76 2.10 8.59
C LEU A 121 -25.31 3.41 8.05
N ASP A 122 -26.16 4.42 8.12
CA ASP A 122 -25.80 5.72 7.63
C ASP A 122 -24.80 6.24 8.64
N MET A 123 -23.52 6.02 8.39
CA MET A 123 -22.40 6.46 9.23
C MET A 123 -22.14 7.92 9.16
N GLY A 124 -22.23 8.47 7.96
CA GLY A 124 -21.95 9.87 7.83
C GLY A 124 -22.94 10.84 8.43
N LYS A 125 -24.18 10.40 8.66
CA LYS A 125 -25.14 11.35 9.17
C LYS A 125 -24.72 12.22 10.31
N ASN A 126 -24.31 11.58 11.37
CA ASN A 126 -23.87 12.28 12.57
C ASN A 126 -22.35 12.30 12.69
N MET A 127 -21.67 11.37 12.02
CA MET A 127 -20.23 11.38 12.14
C MET A 127 -19.54 12.20 11.04
N ASN A 128 -19.97 13.47 10.89
CA ASN A 128 -19.49 14.45 9.91
C ASN A 128 -18.19 15.17 10.26
N ARG A 129 -17.44 14.75 11.26
CA ARG A 129 -16.26 15.53 11.55
C ARG A 129 -14.88 15.58 10.93
N VAL A 130 -14.41 16.82 10.85
CA VAL A 130 -13.07 16.98 10.34
C VAL A 130 -12.44 16.87 11.69
N LEU A 131 -11.83 15.74 11.98
CA LEU A 131 -11.23 15.62 13.29
C LEU A 131 -9.98 16.49 13.31
N GLU A 132 -9.21 16.42 12.24
CA GLU A 132 -8.00 17.23 12.22
C GLU A 132 -7.37 17.43 10.85
N VAL A 133 -6.60 18.50 10.80
CA VAL A 133 -5.89 18.93 9.63
C VAL A 133 -4.66 19.48 10.29
N ASN A 134 -3.51 18.97 9.86
CA ASN A 134 -2.21 19.32 10.35
C ASN A 134 -1.42 19.68 9.13
N VAL A 135 -0.88 20.88 9.23
CA VAL A 135 -0.09 21.42 8.18
C VAL A 135 1.33 20.91 8.04
N GLU A 136 1.99 20.78 9.16
CA GLU A 136 3.35 20.31 9.14
C GLU A 136 3.54 18.88 8.62
N GLY A 137 2.48 18.11 8.85
CA GLY A 137 2.29 16.72 8.48
C GLY A 137 1.65 16.73 7.12
N ALA A 138 0.86 17.74 6.80
CA ALA A 138 0.24 17.79 5.47
C ALA A 138 -0.72 16.62 5.36
N TYR A 139 -1.67 16.60 6.29
CA TYR A 139 -2.68 15.55 6.30
C TYR A 139 -3.92 16.02 7.08
N CYS A 140 -4.96 15.21 7.04
CA CYS A 140 -6.16 15.56 7.78
C CYS A 140 -6.67 14.22 8.27
N VAL A 141 -7.65 14.27 9.16
CA VAL A 141 -8.25 13.07 9.73
C VAL A 141 -9.76 13.34 9.66
N VAL A 142 -10.46 12.36 9.10
CA VAL A 142 -11.90 12.53 8.93
C VAL A 142 -12.81 11.35 9.21
N GLU A 143 -14.04 11.78 9.38
CA GLU A 143 -15.09 10.84 9.65
C GLU A 143 -15.73 10.57 8.31
N PRO A 144 -16.51 9.50 8.25
CA PRO A 144 -17.19 9.10 7.03
C PRO A 144 -17.90 10.32 6.46
N GLY A 145 -18.82 10.88 7.25
CA GLY A 145 -19.57 12.04 6.83
C GLY A 145 -18.81 13.20 6.21
N VAL A 146 -17.50 13.34 6.37
CA VAL A 146 -16.88 14.51 5.73
C VAL A 146 -16.86 14.37 4.22
N THR A 147 -17.70 15.16 3.54
CA THR A 147 -17.69 15.07 2.09
C THR A 147 -16.51 15.93 1.69
N TYR A 148 -16.14 15.82 0.42
CA TYR A 148 -15.03 16.57 -0.15
C TYR A 148 -15.26 18.09 -0.04
N HIS A 149 -16.46 18.56 -0.41
CA HIS A 149 -16.78 19.99 -0.37
C HIS A 149 -16.46 20.47 1.06
N ASP A 150 -16.99 19.74 2.03
CA ASP A 150 -16.75 20.10 3.41
C ASP A 150 -15.26 20.18 3.67
N LEU A 151 -14.54 19.09 3.43
CA LEU A 151 -13.11 19.07 3.69
C LEU A 151 -12.49 20.32 3.10
N HIS A 152 -13.06 20.77 1.99
CA HIS A 152 -12.59 21.96 1.32
C HIS A 152 -12.94 23.28 1.97
N ASN A 153 -14.22 23.39 2.28
CA ASN A 153 -14.68 24.61 2.91
C ASN A 153 -13.93 24.66 4.23
N TYR A 154 -13.61 23.50 4.81
CA TYR A 154 -12.91 23.54 6.08
C TYR A 154 -11.63 24.28 5.82
N LEU A 155 -10.95 23.94 4.75
CA LEU A 155 -9.71 24.67 4.52
C LEU A 155 -9.81 26.16 4.31
N GLU A 156 -10.85 26.50 3.57
CA GLU A 156 -11.14 27.88 3.21
C GLU A 156 -11.34 28.65 4.52
N ALA A 157 -12.29 28.22 5.31
CA ALA A 157 -12.56 28.89 6.57
C ALA A 157 -11.45 28.87 7.61
N ASN A 158 -10.29 28.29 7.29
CA ASN A 158 -9.18 28.22 8.23
C ASN A 158 -7.98 28.73 7.45
N ASN A 159 -8.31 29.39 6.35
CA ASN A 159 -7.31 30.01 5.50
C ASN A 159 -6.11 29.13 5.10
N LEU A 160 -6.33 27.83 5.19
CA LEU A 160 -5.32 26.83 4.87
C LEU A 160 -5.03 26.52 3.40
N ARG A 161 -6.00 26.90 2.59
CA ARG A 161 -5.95 26.71 1.15
C ARG A 161 -4.61 27.15 0.62
N ASP A 162 -4.12 28.17 1.30
CA ASP A 162 -2.86 28.64 0.81
C ASP A 162 -1.78 27.69 1.23
N LYS A 163 -2.11 26.55 1.81
CA LYS A 163 -0.97 25.73 2.21
C LYS A 163 -1.19 24.28 1.95
N LEU A 164 -2.46 23.94 1.87
CA LEU A 164 -2.70 22.54 1.65
C LEU A 164 -3.88 22.37 0.71
N TRP A 165 -3.78 21.30 -0.04
CA TRP A 165 -4.80 21.00 -1.02
C TRP A 165 -5.25 19.57 -1.06
N LEU A 166 -6.52 19.53 -1.41
CA LEU A 166 -7.22 18.29 -1.56
C LEU A 166 -6.85 17.64 -2.90
N ASP A 167 -7.68 16.64 -3.17
CA ASP A 167 -7.62 15.85 -4.39
C ASP A 167 -9.01 15.26 -4.39
N VAL A 168 -9.78 15.79 -5.32
CA VAL A 168 -11.16 15.42 -5.57
C VAL A 168 -11.32 14.56 -6.81
N PRO A 169 -12.48 13.93 -6.86
CA PRO A 169 -12.88 13.07 -7.95
C PRO A 169 -13.76 14.04 -8.70
N ASP A 170 -14.20 13.58 -9.88
CA ASP A 170 -15.06 14.32 -10.77
C ASP A 170 -16.12 15.05 -9.98
N LEU A 171 -16.68 14.42 -8.96
CA LEU A 171 -17.70 15.05 -8.13
C LEU A 171 -17.32 15.64 -6.78
N GLY A 172 -18.00 16.71 -6.41
CA GLY A 172 -17.65 17.30 -5.12
C GLY A 172 -18.17 16.67 -3.84
N GLY A 173 -19.40 16.16 -3.91
CA GLY A 173 -20.07 15.53 -2.77
C GLY A 173 -19.65 14.22 -2.07
N GLY A 174 -19.00 13.29 -2.74
CA GLY A 174 -18.65 12.08 -2.00
C GLY A 174 -17.82 12.20 -0.70
N SER A 175 -17.91 11.13 0.11
CA SER A 175 -17.19 10.99 1.36
C SER A 175 -15.70 10.86 1.01
N VAL A 176 -14.88 11.67 1.63
CA VAL A 176 -13.47 11.60 1.35
C VAL A 176 -13.00 10.24 1.78
N LEU A 177 -13.56 9.87 2.93
CA LEU A 177 -13.28 8.62 3.61
C LEU A 177 -13.77 7.40 2.85
N GLY A 178 -15.05 7.39 2.50
CA GLY A 178 -15.56 6.23 1.78
C GLY A 178 -14.83 5.98 0.47
N ASN A 179 -14.62 7.08 -0.24
CA ASN A 179 -13.96 7.01 -1.53
C ASN A 179 -12.60 6.42 -1.34
N ALA A 180 -11.98 6.70 -0.21
CA ALA A 180 -10.66 6.13 -0.08
C ALA A 180 -10.51 4.64 0.12
N VAL A 181 -11.50 4.10 0.83
CA VAL A 181 -11.54 2.67 1.15
C VAL A 181 -12.01 1.90 -0.07
N GLU A 182 -12.76 2.65 -0.88
CA GLU A 182 -13.27 2.12 -2.14
C GLU A 182 -12.14 2.11 -3.20
N ARG A 183 -11.08 2.82 -2.86
CA ARG A 183 -9.89 2.97 -3.69
C ARG A 183 -10.16 3.86 -4.91
N GLY A 184 -11.03 4.84 -4.68
CA GLY A 184 -11.46 5.83 -5.66
C GLY A 184 -10.32 6.58 -6.32
N VAL A 185 -10.72 7.48 -7.22
CA VAL A 185 -9.71 8.24 -7.92
C VAL A 185 -10.03 9.69 -8.10
N GLY A 186 -8.92 10.43 -8.05
CA GLY A 186 -8.87 11.88 -8.16
C GLY A 186 -7.72 12.38 -9.03
N TYR A 187 -7.88 13.64 -9.37
CA TYR A 187 -6.94 14.27 -10.26
C TYR A 187 -5.51 14.78 -10.09
N THR A 188 -5.15 15.35 -8.94
CA THR A 188 -3.82 15.88 -8.69
C THR A 188 -2.89 14.69 -8.58
N PRO A 189 -1.67 14.97 -8.15
CA PRO A 189 -0.65 13.95 -7.95
C PRO A 189 -0.96 13.10 -6.70
N TYR A 190 -1.97 13.55 -5.96
CA TYR A 190 -2.47 12.89 -4.78
C TYR A 190 -3.72 12.21 -5.27
N GLY A 191 -3.72 11.79 -6.54
CA GLY A 191 -4.91 11.15 -7.10
C GLY A 191 -5.32 9.78 -6.56
N ASP A 192 -4.32 8.99 -6.21
CA ASP A 192 -4.63 7.66 -5.71
C ASP A 192 -5.16 7.76 -4.29
N HIS A 193 -6.47 7.91 -4.13
CA HIS A 193 -6.96 8.02 -2.77
C HIS A 193 -6.54 7.07 -1.67
N TRP A 194 -6.72 5.78 -1.91
CA TRP A 194 -6.40 4.79 -0.92
C TRP A 194 -4.96 5.02 -0.55
N MET A 195 -4.05 4.99 -1.50
CA MET A 195 -2.68 5.23 -1.14
C MET A 195 -2.39 6.47 -0.34
N MET A 196 -3.29 7.43 -0.29
CA MET A 196 -3.00 8.62 0.49
C MET A 196 -3.36 8.54 1.95
N HIS A 197 -3.90 7.40 2.34
CA HIS A 197 -4.28 7.21 3.71
C HIS A 197 -3.08 6.71 4.52
N SER A 198 -3.19 7.04 5.80
CA SER A 198 -2.23 6.69 6.84
C SER A 198 -3.09 6.79 8.11
N GLY A 199 -3.17 5.66 8.80
CA GLY A 199 -3.90 5.45 10.05
C GLY A 199 -5.41 5.50 9.97
N MET A 200 -5.99 4.33 10.22
CA MET A 200 -7.43 4.24 10.20
C MET A 200 -8.00 3.54 11.39
N GLU A 201 -9.30 3.77 11.50
CA GLU A 201 -9.98 3.19 12.62
C GLU A 201 -11.25 2.57 12.19
N VAL A 202 -11.42 1.40 12.78
CA VAL A 202 -12.57 0.59 12.52
C VAL A 202 -13.12 -0.27 13.65
N VAL A 203 -14.45 -0.40 13.61
CA VAL A 203 -15.17 -1.21 14.57
C VAL A 203 -15.17 -2.55 13.83
N LEU A 204 -14.42 -3.53 14.31
CA LEU A 204 -14.36 -4.83 13.68
C LEU A 204 -15.71 -5.39 14.03
N ALA A 205 -15.96 -6.59 13.48
CA ALA A 205 -17.20 -7.34 13.68
C ALA A 205 -17.64 -7.70 15.10
N ASN A 206 -16.68 -8.05 15.95
CA ASN A 206 -16.94 -8.43 17.32
C ASN A 206 -17.31 -7.17 18.07
N GLY A 207 -17.34 -6.06 17.34
CA GLY A 207 -17.67 -4.77 17.96
C GLY A 207 -16.40 -4.10 18.50
N GLU A 208 -15.27 -4.81 18.51
CA GLU A 208 -14.02 -4.25 18.99
C GLU A 208 -13.41 -3.23 18.04
N LEU A 209 -12.88 -2.13 18.60
CA LEU A 209 -12.23 -1.02 17.86
C LEU A 209 -10.79 -1.35 17.47
N LEU A 210 -10.35 -0.78 16.35
CA LEU A 210 -9.01 -1.06 15.92
C LEU A 210 -8.49 0.17 15.17
N ARG A 211 -7.18 0.37 15.23
CA ARG A 211 -6.63 1.53 14.58
C ARG A 211 -5.40 0.86 14.05
N THR A 212 -5.16 1.22 12.81
CA THR A 212 -4.08 0.67 12.09
C THR A 212 -2.75 1.31 12.08
N GLY A 213 -1.80 0.48 11.66
CA GLY A 213 -0.41 0.83 11.52
C GLY A 213 0.07 1.39 12.84
N MET A 214 0.59 2.61 12.69
CA MET A 214 1.12 3.40 13.79
C MET A 214 -0.02 3.82 14.67
N GLY A 215 -1.24 3.59 14.21
CA GLY A 215 -2.42 3.95 14.99
C GLY A 215 -2.46 3.08 16.25
N ALA A 216 -1.78 1.93 16.17
CA ALA A 216 -1.67 0.93 17.24
C ALA A 216 -0.68 1.40 18.32
N LEU A 217 0.29 2.18 17.85
CA LEU A 217 1.25 2.67 18.81
C LEU A 217 0.44 3.81 19.48
N PRO A 218 0.12 3.65 20.74
CA PRO A 218 -0.66 4.66 21.45
C PRO A 218 0.03 6.00 21.85
N ASP A 219 -0.73 7.08 21.80
CA ASP A 219 -0.20 8.38 22.16
C ASP A 219 0.14 8.28 23.64
N PRO A 220 1.31 8.75 24.04
CA PRO A 220 1.63 8.65 25.44
C PRO A 220 0.57 9.37 26.26
N LYS A 221 0.47 8.95 27.52
CA LYS A 221 -0.48 9.48 28.49
C LYS A 221 -0.22 10.91 28.96
N ARG A 222 -1.32 11.55 29.30
CA ARG A 222 -1.18 12.88 29.79
C ARG A 222 -2.49 13.34 30.36
N PRO A 223 -2.31 14.01 31.47
CA PRO A 223 -3.34 14.57 32.33
C PRO A 223 -4.54 15.01 31.56
N GLU A 224 -4.33 15.62 30.41
CA GLU A 224 -5.45 16.08 29.59
C GLU A 224 -6.27 15.05 28.78
N THR A 225 -5.62 13.90 28.56
CA THR A 225 -6.16 12.76 27.84
C THR A 225 -6.72 11.65 28.72
N MET A 226 -6.63 11.82 30.02
CA MET A 226 -7.18 10.80 30.85
C MET A 226 -8.70 10.52 30.71
N GLY A 227 -9.05 9.24 30.79
CA GLY A 227 -10.46 8.88 30.72
C GLY A 227 -11.39 9.05 29.54
N LEU A 228 -10.79 9.30 28.40
CA LEU A 228 -11.50 9.49 27.15
C LEU A 228 -11.70 8.13 26.54
N LYS A 229 -12.87 7.91 25.96
CA LYS A 229 -13.09 6.63 25.35
C LYS A 229 -12.02 6.44 24.28
N PRO A 230 -11.63 5.19 24.06
CA PRO A 230 -10.59 4.82 23.09
C PRO A 230 -10.81 5.54 21.77
N GLU A 231 -12.10 5.60 21.48
CA GLU A 231 -12.65 6.26 20.29
C GLU A 231 -12.15 7.69 20.26
N ASP A 232 -12.43 8.41 21.32
CA ASP A 232 -12.03 9.80 21.43
C ASP A 232 -10.58 9.99 21.77
N GLN A 233 -9.79 8.94 21.87
CA GLN A 233 -8.43 9.29 22.23
C GLN A 233 -7.61 9.89 21.10
N PRO A 234 -6.69 10.81 21.35
CA PRO A 234 -5.96 11.32 20.21
C PRO A 234 -5.09 10.18 19.71
N TRP A 235 -4.43 10.53 18.62
CA TRP A 235 -3.54 9.60 18.02
C TRP A 235 -2.15 10.01 18.36
N SER A 236 -1.27 9.06 18.10
CA SER A 236 0.15 9.12 18.27
C SER A 236 0.59 10.11 17.23
N LYS A 237 1.82 10.59 17.36
CA LYS A 237 2.40 11.57 16.42
C LYS A 237 2.49 11.02 15.01
N ILE A 238 3.30 9.97 14.87
CA ILE A 238 3.54 9.25 13.61
C ILE A 238 2.30 8.53 13.00
N ALA A 239 1.19 8.41 13.74
CA ALA A 239 -0.04 7.73 13.30
C ALA A 239 -0.46 7.99 11.85
N HIS A 240 -0.50 9.28 11.50
CA HIS A 240 -0.85 9.66 10.16
C HIS A 240 0.28 10.07 9.25
N LEU A 241 1.51 9.63 9.47
CA LEU A 241 2.55 10.10 8.56
C LEU A 241 3.26 8.87 8.11
N PHE A 242 2.76 7.77 8.63
CA PHE A 242 3.39 6.54 8.23
C PHE A 242 2.28 5.57 8.58
N PRO A 243 1.93 4.91 7.49
CA PRO A 243 0.88 3.92 7.39
C PRO A 243 1.20 2.53 7.87
N TYR A 244 2.45 2.09 7.71
CA TYR A 244 2.79 0.75 8.14
C TYR A 244 2.86 0.26 9.58
N GLY A 245 3.38 1.01 10.55
CA GLY A 245 3.40 0.32 11.83
C GLY A 245 4.50 -0.78 11.80
N PHE A 246 4.29 -1.92 12.47
CA PHE A 246 5.25 -3.02 12.55
C PHE A 246 4.58 -4.40 12.33
N GLY A 247 5.24 -5.38 11.71
CA GLY A 247 4.57 -6.66 11.49
C GLY A 247 3.43 -6.51 10.45
N PRO A 248 2.64 -7.56 10.18
CA PRO A 248 1.56 -7.51 9.19
C PRO A 248 0.83 -6.21 8.92
N TYR A 249 0.92 -5.77 7.67
CA TYR A 249 0.27 -4.55 7.23
C TYR A 249 -1.15 -4.86 6.79
N ILE A 250 -2.06 -4.78 7.74
CA ILE A 250 -3.46 -5.09 7.47
C ILE A 250 -4.44 -4.07 6.93
N ASP A 251 -4.02 -2.83 6.71
CA ASP A 251 -5.02 -1.86 6.24
C ASP A 251 -5.91 -2.30 5.07
N GLY A 252 -5.27 -2.89 4.06
CA GLY A 252 -5.92 -3.39 2.87
C GLY A 252 -7.10 -4.31 3.11
N LEU A 253 -7.10 -5.07 4.19
CA LEU A 253 -8.23 -5.96 4.45
C LEU A 253 -9.43 -5.07 4.63
N PHE A 254 -9.16 -3.80 4.89
CA PHE A 254 -10.15 -2.77 5.09
C PHE A 254 -10.71 -2.00 3.91
N SER A 255 -10.11 -2.15 2.72
CA SER A 255 -10.64 -1.49 1.53
C SER A 255 -11.41 -2.46 0.60
N GLN A 256 -12.60 -2.05 0.14
CA GLN A 256 -13.36 -2.91 -0.73
C GLN A 256 -13.51 -4.31 -0.21
N SER A 257 -13.83 -4.39 1.07
CA SER A 257 -13.99 -5.68 1.68
C SER A 257 -15.11 -5.41 2.67
N ASN A 258 -15.32 -6.42 3.49
CA ASN A 258 -16.35 -6.38 4.50
C ASN A 258 -15.72 -6.88 5.77
N MET A 259 -14.45 -6.58 5.94
CA MET A 259 -13.73 -6.97 7.13
C MET A 259 -14.02 -5.95 8.23
N GLY A 260 -14.66 -4.80 8.03
CA GLY A 260 -14.88 -3.94 9.19
C GLY A 260 -15.67 -2.62 9.03
N ILE A 261 -16.04 -1.97 10.12
CA ILE A 261 -16.75 -0.73 9.88
C ILE A 261 -15.81 0.40 10.22
N VAL A 262 -15.37 1.16 9.23
CA VAL A 262 -14.44 2.26 9.43
C VAL A 262 -15.07 3.52 9.94
N THR A 263 -14.48 3.98 11.02
CA THR A 263 -14.93 5.18 11.66
C THR A 263 -14.09 6.40 11.35
N LYS A 264 -12.81 6.17 11.07
CA LYS A 264 -12.00 7.33 10.81
C LYS A 264 -10.83 6.97 10.02
N ILE A 265 -10.34 8.06 9.43
CA ILE A 265 -9.17 7.94 8.60
C ILE A 265 -8.29 9.16 8.31
N GLY A 266 -6.98 8.86 8.26
CA GLY A 266 -5.86 9.73 7.98
C GLY A 266 -5.59 9.79 6.47
N ILE A 267 -5.83 10.99 5.94
CA ILE A 267 -5.62 11.30 4.54
C ILE A 267 -4.56 12.32 4.23
N TRP A 268 -3.57 11.93 3.47
CA TRP A 268 -2.60 12.93 3.16
C TRP A 268 -3.01 14.10 2.32
N LEU A 269 -2.59 15.26 2.80
CA LEU A 269 -2.85 16.49 2.07
C LEU A 269 -1.66 16.96 1.26
N MET A 270 -1.99 17.45 0.08
CA MET A 270 -0.96 17.94 -0.80
C MET A 270 -0.70 19.42 -0.58
N PRO A 271 0.55 19.68 -0.22
CA PRO A 271 1.01 21.02 0.03
C PRO A 271 0.97 21.79 -1.27
N ASN A 272 0.42 23.00 -1.11
CA ASN A 272 0.31 23.89 -2.21
C ASN A 272 1.72 23.91 -2.71
N PRO A 273 1.77 23.53 -3.98
CA PRO A 273 2.91 23.37 -4.85
C PRO A 273 3.66 24.57 -5.43
N ARG A 274 3.14 25.78 -5.28
CA ARG A 274 3.89 26.88 -5.87
C ARG A 274 3.99 26.95 -7.40
N GLY A 275 2.84 26.81 -8.06
CA GLY A 275 2.74 26.86 -9.52
C GLY A 275 1.76 25.79 -9.96
N TYR A 276 0.83 26.07 -10.87
CA TYR A 276 -0.17 25.10 -11.36
C TYR A 276 -0.67 25.50 -12.71
N GLN A 277 -0.70 24.57 -13.65
CA GLN A 277 -1.21 24.97 -14.95
C GLN A 277 -1.96 23.80 -15.56
N SER A 278 -3.26 23.99 -15.75
CA SER A 278 -4.09 22.96 -16.34
C SER A 278 -4.15 23.12 -17.86
N TYR A 279 -4.63 22.08 -18.53
CA TYR A 279 -4.73 22.14 -19.97
C TYR A 279 -5.44 20.99 -20.63
N LEU A 280 -5.42 21.11 -21.95
CA LEU A 280 -6.02 20.19 -22.89
C LEU A 280 -5.17 20.04 -24.13
N ILE A 281 -5.25 18.86 -24.70
CA ILE A 281 -4.49 18.59 -25.87
C ILE A 281 -5.57 17.84 -26.63
N THR A 282 -6.26 18.49 -27.58
CA THR A 282 -7.32 17.81 -28.33
C THR A 282 -6.76 16.85 -29.34
N LEU A 283 -7.39 15.68 -29.38
CA LEU A 283 -6.95 14.66 -30.34
C LEU A 283 -8.03 14.60 -31.44
N PRO A 284 -7.58 14.80 -32.68
CA PRO A 284 -8.43 14.79 -33.86
C PRO A 284 -9.12 13.48 -34.31
N LYS A 285 -8.35 12.42 -34.58
CA LYS A 285 -8.87 11.12 -34.99
C LYS A 285 -9.16 10.10 -33.87
N ASP A 286 -10.23 9.33 -34.03
CA ASP A 286 -10.61 8.33 -33.04
C ASP A 286 -9.40 7.41 -32.73
N GLY A 287 -8.59 7.16 -33.76
CA GLY A 287 -7.39 6.30 -33.66
C GLY A 287 -6.14 6.96 -33.09
N ASP A 288 -6.31 8.24 -32.77
CA ASP A 288 -5.20 9.01 -32.19
C ASP A 288 -4.92 8.51 -30.77
N LEU A 289 -6.05 8.03 -30.24
CA LEU A 289 -6.13 7.43 -28.93
C LEU A 289 -4.94 6.47 -28.96
N LYS A 290 -4.72 5.77 -30.06
CA LYS A 290 -3.57 4.91 -29.99
C LYS A 290 -2.18 5.45 -29.76
N GLN A 291 -1.79 6.38 -30.59
CA GLN A 291 -0.44 6.91 -30.45
C GLN A 291 -0.30 7.77 -29.20
N ALA A 292 -1.40 8.42 -28.82
CA ALA A 292 -1.36 9.26 -27.65
C ALA A 292 -0.83 8.50 -26.43
N VAL A 293 -1.29 7.27 -26.33
CA VAL A 293 -0.89 6.41 -25.23
C VAL A 293 0.56 5.97 -25.25
N ASP A 294 1.00 5.61 -26.43
CA ASP A 294 2.38 5.18 -26.55
C ASP A 294 3.15 6.41 -26.12
N ILE A 295 2.49 7.58 -26.32
CA ILE A 295 3.08 8.85 -25.95
C ILE A 295 3.10 9.06 -24.44
N ILE A 296 1.90 9.13 -23.89
CA ILE A 296 1.67 9.35 -22.48
C ILE A 296 2.40 8.35 -21.62
N ARG A 297 2.66 7.22 -22.23
CA ARG A 297 3.33 6.27 -21.40
C ARG A 297 4.64 6.47 -20.67
N PRO A 298 5.64 6.98 -21.35
CA PRO A 298 6.93 7.18 -20.70
C PRO A 298 7.00 8.52 -19.96
N LEU A 299 6.05 9.38 -20.28
CA LEU A 299 6.06 10.65 -19.60
C LEU A 299 5.56 10.44 -18.19
N ARG A 300 4.53 9.63 -18.07
CA ARG A 300 4.00 9.36 -16.74
C ARG A 300 5.07 8.61 -15.95
N LEU A 301 5.60 7.56 -16.55
CA LEU A 301 6.65 6.85 -15.82
C LEU A 301 7.82 7.76 -15.52
N GLY A 302 8.18 8.65 -16.43
CA GLY A 302 9.31 9.54 -16.12
C GLY A 302 8.83 10.62 -15.16
N MET A 303 7.54 10.67 -14.92
CA MET A 303 7.04 11.69 -14.03
C MET A 303 7.01 13.01 -14.72
N ALA A 304 7.20 12.99 -16.02
CA ALA A 304 7.12 14.25 -16.72
C ALA A 304 5.61 14.49 -16.49
N LEU A 305 4.82 13.41 -16.59
CA LEU A 305 3.37 13.45 -16.38
C LEU A 305 3.09 13.50 -14.88
N GLN A 306 2.60 14.65 -14.40
CA GLN A 306 2.35 14.84 -12.98
C GLN A 306 1.23 14.23 -12.17
N ASN A 307 0.03 14.64 -12.51
CA ASN A 307 -1.10 14.12 -11.78
C ASN A 307 -1.50 12.96 -12.67
N VAL A 308 -2.75 12.58 -12.54
CA VAL A 308 -3.27 11.48 -13.34
C VAL A 308 -3.82 12.08 -14.65
N PRO A 309 -3.24 11.67 -15.76
CA PRO A 309 -3.71 12.13 -17.06
C PRO A 309 -5.03 11.44 -17.29
N THR A 310 -5.94 12.03 -18.05
CA THR A 310 -7.19 11.33 -18.26
C THR A 310 -7.37 11.70 -19.73
N ILE A 311 -7.94 10.79 -20.51
CA ILE A 311 -8.11 11.07 -21.92
C ILE A 311 -9.57 10.73 -22.16
N ARG A 312 -10.35 11.80 -22.28
CA ARG A 312 -11.78 11.72 -22.49
C ARG A 312 -12.36 11.53 -23.85
N HIS A 313 -13.45 10.79 -23.91
CA HIS A 313 -14.07 10.59 -25.19
C HIS A 313 -14.99 11.81 -25.34
N ILE A 314 -15.02 12.32 -26.56
CA ILE A 314 -15.77 13.50 -26.93
C ILE A 314 -17.13 13.66 -26.29
N LEU A 315 -17.86 12.59 -26.33
CA LEU A 315 -19.17 12.68 -25.75
C LEU A 315 -19.26 12.97 -24.27
N LEU A 316 -18.23 12.52 -23.57
CA LEU A 316 -18.23 12.74 -22.14
C LEU A 316 -18.31 14.24 -22.02
N ASP A 317 -17.40 14.86 -22.73
CA ASP A 317 -17.41 16.28 -22.68
C ASP A 317 -18.69 16.82 -23.23
N ALA A 318 -19.08 16.25 -24.34
CA ALA A 318 -20.30 16.73 -24.93
C ALA A 318 -21.46 16.57 -23.99
N ALA A 319 -21.53 15.42 -23.35
CA ALA A 319 -22.65 15.19 -22.47
C ALA A 319 -22.60 16.10 -21.27
N VAL A 320 -21.36 16.40 -20.91
CA VAL A 320 -21.16 17.28 -19.78
C VAL A 320 -21.80 18.55 -20.31
N LEU A 321 -21.65 18.70 -21.63
CA LEU A 321 -22.19 19.85 -22.33
C LEU A 321 -23.70 19.99 -22.59
N GLY A 322 -24.42 18.91 -22.90
CA GLY A 322 -25.86 19.03 -23.14
C GLY A 322 -26.40 17.61 -23.27
N ASP A 323 -27.72 17.46 -23.36
CA ASP A 323 -28.22 16.10 -23.46
C ASP A 323 -27.98 15.55 -24.85
N LYS A 324 -28.11 14.24 -25.01
CA LYS A 324 -27.91 13.65 -26.32
C LYS A 324 -28.89 14.23 -27.33
N ARG A 325 -30.10 14.48 -26.85
CA ARG A 325 -31.14 15.02 -27.69
C ARG A 325 -30.77 16.38 -28.25
N SER A 326 -30.16 17.22 -27.40
CA SER A 326 -29.71 18.57 -27.72
C SER A 326 -28.58 18.49 -28.73
N TYR A 327 -28.42 17.30 -29.30
CA TYR A 327 -27.37 17.07 -30.29
C TYR A 327 -27.85 16.14 -31.45
N SER A 328 -28.87 15.28 -31.25
CA SER A 328 -29.37 14.38 -32.30
C SER A 328 -30.44 13.38 -31.90
N SER A 329 -31.67 13.85 -32.08
CA SER A 329 -32.93 13.15 -31.79
C SER A 329 -32.87 11.94 -32.71
N ARG A 330 -32.29 10.89 -32.16
CA ARG A 330 -32.09 9.66 -32.88
C ARG A 330 -31.94 8.61 -31.81
N THR A 331 -33.00 7.84 -31.71
CA THR A 331 -33.06 6.79 -30.74
C THR A 331 -31.83 5.93 -30.93
N GLU A 332 -31.46 5.57 -32.16
CA GLU A 332 -30.23 4.81 -32.16
C GLU A 332 -28.96 5.53 -31.66
N PRO A 333 -27.83 4.87 -31.43
CA PRO A 333 -26.62 5.58 -30.97
C PRO A 333 -26.04 6.42 -32.09
N LEU A 334 -25.23 7.43 -31.75
CA LEU A 334 -24.61 8.31 -32.75
C LEU A 334 -23.51 7.70 -33.66
N SER A 335 -23.60 8.09 -34.94
CA SER A 335 -22.75 7.70 -36.07
C SER A 335 -21.34 8.17 -35.85
N ASP A 336 -20.37 7.45 -36.42
CA ASP A 336 -18.97 7.84 -36.27
C ASP A 336 -18.87 9.25 -36.77
N GLU A 337 -19.77 9.56 -37.69
CA GLU A 337 -19.79 10.90 -38.26
C GLU A 337 -20.34 12.02 -37.44
N GLU A 338 -21.51 11.87 -36.81
CA GLU A 338 -22.04 12.98 -36.02
C GLU A 338 -21.12 13.47 -34.89
N LEU A 339 -20.23 12.57 -34.45
CA LEU A 339 -19.26 12.87 -33.40
C LEU A 339 -18.33 13.95 -33.89
N ASP A 340 -17.61 13.62 -34.96
CA ASP A 340 -16.65 14.53 -35.61
C ASP A 340 -17.39 15.83 -35.70
N LYS A 341 -18.61 15.78 -36.23
CA LYS A 341 -19.37 17.01 -36.32
C LYS A 341 -19.43 17.52 -34.90
N ILE A 342 -19.78 16.67 -33.95
CA ILE A 342 -19.81 17.29 -32.63
C ILE A 342 -18.46 17.73 -32.14
N ALA A 343 -17.45 16.91 -32.41
CA ALA A 343 -16.09 17.17 -31.99
C ALA A 343 -15.72 18.58 -32.44
N LYS A 344 -16.16 18.95 -33.64
CA LYS A 344 -15.84 20.26 -34.16
C LYS A 344 -16.73 21.33 -33.53
N GLN A 345 -18.01 21.05 -33.36
CA GLN A 345 -18.95 22.02 -32.78
C GLN A 345 -18.46 22.62 -31.47
N LEU A 346 -17.65 21.81 -30.78
CA LEU A 346 -17.00 22.07 -29.48
C LEU A 346 -15.51 22.47 -29.45
N ASN A 347 -14.76 22.21 -30.51
CA ASN A 347 -13.34 22.56 -30.51
C ASN A 347 -12.38 21.60 -29.85
N LEU A 348 -13.01 20.46 -29.61
CA LEU A 348 -12.41 19.30 -29.01
C LEU A 348 -12.03 18.36 -30.13
N GLY A 349 -11.47 17.25 -29.66
CA GLY A 349 -11.05 16.13 -30.47
C GLY A 349 -12.04 14.96 -30.24
N ARG A 350 -11.60 13.81 -30.74
CA ARG A 350 -12.31 12.55 -30.62
C ARG A 350 -11.96 11.99 -29.27
N TRP A 351 -10.73 12.36 -28.94
CA TRP A 351 -10.03 11.99 -27.72
C TRP A 351 -9.58 13.30 -27.15
N ASN A 352 -9.72 13.39 -25.83
CA ASN A 352 -9.39 14.61 -25.14
C ASN A 352 -8.75 14.56 -23.78
N PHE A 353 -7.46 14.74 -23.95
CA PHE A 353 -6.51 14.73 -22.90
C PHE A 353 -6.29 15.95 -22.03
N TYR A 354 -6.70 15.82 -20.77
CA TYR A 354 -6.52 16.89 -19.82
C TYR A 354 -5.42 16.43 -18.88
N GLY A 355 -4.81 17.42 -18.26
CA GLY A 355 -3.72 17.30 -17.30
C GLY A 355 -3.46 18.65 -16.62
N ALA A 356 -2.35 18.71 -15.89
CA ALA A 356 -1.88 19.91 -15.17
C ALA A 356 -0.41 19.67 -14.85
N LEU A 357 0.25 20.80 -14.71
CA LEU A 357 1.67 20.98 -14.39
C LEU A 357 1.66 21.45 -12.91
N TYR A 358 2.67 21.05 -12.14
CA TYR A 358 2.67 21.45 -10.73
C TYR A 358 4.03 22.04 -10.27
N GLY A 359 3.93 23.12 -9.48
CA GLY A 359 5.09 23.83 -8.93
C GLY A 359 5.73 24.98 -9.74
N PRO A 360 6.93 25.34 -9.29
CA PRO A 360 7.75 26.39 -9.84
C PRO A 360 7.87 26.30 -11.35
N GLU A 361 7.43 27.42 -11.89
CA GLU A 361 7.38 27.68 -13.31
C GLU A 361 8.61 27.28 -14.11
N PRO A 362 9.79 27.39 -13.52
CA PRO A 362 10.94 27.03 -14.32
C PRO A 362 10.80 25.54 -14.60
N ILE A 363 10.23 24.80 -13.66
CA ILE A 363 10.08 23.38 -13.99
C ILE A 363 8.78 23.19 -14.79
N ARG A 364 7.71 23.91 -14.46
CA ARG A 364 6.51 23.71 -15.25
C ARG A 364 6.78 23.95 -16.72
N ARG A 365 7.49 25.03 -16.94
CA ARG A 365 7.88 25.47 -18.26
C ARG A 365 8.55 24.33 -19.03
N VAL A 366 9.63 23.76 -18.48
CA VAL A 366 10.31 22.66 -19.15
C VAL A 366 9.43 21.46 -19.47
N LEU A 367 8.64 21.10 -18.46
CA LEU A 367 7.77 19.97 -18.60
C LEU A 367 6.87 20.14 -19.79
N TRP A 368 6.19 21.27 -19.79
CA TRP A 368 5.30 21.56 -20.87
C TRP A 368 5.99 21.46 -22.22
N GLU A 369 7.24 21.89 -22.25
CA GLU A 369 7.94 21.79 -23.51
C GLU A 369 7.97 20.34 -23.93
N THR A 370 8.54 19.51 -23.08
CA THR A 370 8.59 18.09 -23.40
C THR A 370 7.20 17.50 -23.76
N ILE A 371 6.15 17.92 -23.06
CA ILE A 371 4.87 17.36 -23.40
C ILE A 371 4.36 17.87 -24.71
N LYS A 372 4.23 19.20 -24.77
CA LYS A 372 3.74 19.95 -25.94
C LYS A 372 4.60 19.36 -27.02
N ASP A 373 5.90 19.47 -26.81
CA ASP A 373 6.81 18.91 -27.77
C ASP A 373 6.51 17.44 -28.03
N ALA A 374 6.11 16.71 -27.00
CA ALA A 374 5.82 15.27 -27.21
C ALA A 374 4.67 14.89 -28.12
N PHE A 375 3.51 15.47 -27.82
CA PHE A 375 2.30 15.22 -28.57
C PHE A 375 2.26 15.80 -29.95
N SER A 376 3.37 16.41 -30.35
CA SER A 376 3.43 17.02 -31.67
C SER A 376 3.43 16.13 -32.91
N ALA A 377 3.79 14.86 -32.69
CA ALA A 377 3.86 13.80 -33.69
C ALA A 377 2.44 13.40 -34.11
N ILE A 378 1.49 13.91 -33.32
CA ILE A 378 0.09 13.67 -33.58
C ILE A 378 -0.34 14.94 -34.32
N PRO A 379 -0.80 14.72 -35.54
CA PRO A 379 -1.27 15.79 -36.40
C PRO A 379 -2.53 16.48 -35.95
N GLY A 380 -2.72 17.77 -36.21
CA GLY A 380 -3.98 18.37 -35.80
C GLY A 380 -4.18 18.43 -34.32
N VAL A 381 -3.09 18.12 -33.62
CA VAL A 381 -3.08 18.16 -32.18
C VAL A 381 -3.19 19.64 -31.84
N LYS A 382 -3.86 19.96 -30.74
CA LYS A 382 -3.96 21.35 -30.39
C LYS A 382 -3.97 21.49 -28.86
N PHE A 383 -3.18 22.43 -28.35
CA PHE A 383 -3.06 22.69 -26.92
C PHE A 383 -3.78 23.85 -26.31
N TYR A 384 -4.30 23.69 -25.10
CA TYR A 384 -5.01 24.84 -24.55
C TYR A 384 -4.93 25.08 -23.06
N PHE A 385 -5.26 26.29 -22.67
CA PHE A 385 -5.24 26.58 -21.27
C PHE A 385 -6.66 27.08 -21.25
N PRO A 386 -7.23 26.83 -20.09
CA PRO A 386 -8.61 27.14 -19.76
C PRO A 386 -9.02 28.46 -20.35
N GLU A 387 -8.08 29.38 -20.38
CA GLU A 387 -8.34 30.69 -20.92
C GLU A 387 -8.62 30.59 -22.42
N ASP A 388 -7.86 29.75 -23.12
CA ASP A 388 -8.05 29.56 -24.55
C ASP A 388 -9.36 28.83 -24.84
N THR A 389 -10.30 28.82 -23.90
CA THR A 389 -11.55 28.11 -24.17
C THR A 389 -12.83 28.75 -23.61
N PRO A 390 -13.92 28.38 -24.26
CA PRO A 390 -15.27 28.86 -23.93
C PRO A 390 -15.61 28.86 -22.43
N GLU A 391 -16.66 29.56 -22.07
CA GLU A 391 -17.03 29.61 -20.67
C GLU A 391 -17.67 28.31 -20.15
N ASN A 392 -18.45 27.62 -20.96
CA ASN A 392 -19.07 26.40 -20.48
C ASN A 392 -18.04 25.26 -20.48
N SER A 393 -16.89 25.61 -21.04
CA SER A 393 -15.78 24.69 -21.16
C SER A 393 -15.56 23.68 -20.03
N VAL A 394 -15.38 22.44 -20.44
CA VAL A 394 -15.13 21.34 -19.52
C VAL A 394 -13.79 21.66 -18.87
N LEU A 395 -12.80 22.04 -19.70
CA LEU A 395 -11.48 22.36 -19.19
C LEU A 395 -11.58 23.37 -18.06
N ARG A 396 -12.58 24.23 -18.12
CA ARG A 396 -12.71 25.19 -17.05
C ARG A 396 -12.84 24.44 -15.75
N VAL A 397 -13.85 23.59 -15.71
CA VAL A 397 -14.10 22.78 -14.53
C VAL A 397 -12.84 21.97 -14.17
N ARG A 398 -12.29 21.24 -15.14
CA ARG A 398 -11.10 20.47 -14.84
C ARG A 398 -9.91 21.21 -14.21
N ASP A 399 -9.89 22.52 -14.41
CA ASP A 399 -8.79 23.27 -13.80
C ASP A 399 -9.04 23.27 -12.26
N LYS A 400 -10.29 23.56 -11.86
CA LYS A 400 -10.63 23.57 -10.43
C LYS A 400 -10.30 22.15 -9.95
N THR A 401 -10.75 21.20 -10.76
CA THR A 401 -10.52 19.81 -10.45
C THR A 401 -9.08 19.35 -10.22
N MET A 402 -8.21 19.65 -11.17
CA MET A 402 -6.81 19.26 -11.04
C MET A 402 -6.09 19.99 -9.92
N GLN A 403 -6.90 20.72 -9.19
CA GLN A 403 -6.32 21.46 -8.08
C GLN A 403 -7.11 21.35 -6.82
N GLY A 404 -7.76 20.21 -6.63
CA GLY A 404 -8.53 20.01 -5.41
C GLY A 404 -9.81 20.82 -5.39
N ILE A 405 -10.13 21.62 -6.39
CA ILE A 405 -11.39 22.30 -6.17
C ILE A 405 -12.57 21.48 -6.67
N PRO A 406 -13.46 21.12 -5.75
CA PRO A 406 -14.62 20.31 -6.09
C PRO A 406 -15.74 20.97 -6.92
N THR A 407 -16.10 20.35 -8.05
CA THR A 407 -17.15 20.84 -8.95
C THR A 407 -18.39 20.00 -8.62
N TYR A 408 -19.33 19.94 -9.57
CA TYR A 408 -20.59 19.16 -9.51
C TYR A 408 -21.17 19.08 -10.90
N ASP A 409 -20.47 19.75 -11.82
CA ASP A 409 -20.86 19.85 -13.21
C ASP A 409 -20.85 18.60 -14.07
N GLU A 410 -19.97 17.65 -13.75
CA GLU A 410 -19.92 16.44 -14.57
C GLU A 410 -21.16 15.54 -14.49
N LEU A 411 -21.88 15.74 -13.40
CA LEU A 411 -23.11 15.02 -13.18
C LEU A 411 -24.01 15.12 -14.39
N LYS A 412 -24.03 16.32 -14.97
CA LYS A 412 -24.87 16.62 -16.12
C LYS A 412 -24.74 15.58 -17.21
N TRP A 413 -23.60 14.90 -17.27
CA TRP A 413 -23.49 13.90 -18.32
C TRP A 413 -24.36 12.69 -17.98
N ILE A 414 -24.74 12.62 -16.72
CA ILE A 414 -25.58 11.55 -16.24
C ILE A 414 -26.94 11.73 -16.91
N ASP A 415 -27.10 12.90 -17.51
CA ASP A 415 -28.31 13.30 -18.22
C ASP A 415 -28.61 13.00 -19.69
N TRP A 416 -27.60 12.51 -20.40
CA TRP A 416 -27.63 12.20 -21.82
C TRP A 416 -28.95 11.66 -22.25
N LEU A 417 -29.40 10.62 -21.54
CA LEU A 417 -30.70 9.97 -21.79
C LEU A 417 -31.69 10.39 -20.74
N PRO A 418 -32.91 10.76 -21.13
CA PRO A 418 -33.99 11.21 -20.23
C PRO A 418 -33.92 10.52 -18.87
N ASN A 419 -34.13 9.22 -18.74
CA ASN A 419 -33.95 8.79 -17.35
C ASN A 419 -32.49 8.43 -17.28
N GLY A 420 -31.72 9.28 -16.64
CA GLY A 420 -30.30 9.03 -16.55
C GLY A 420 -29.94 8.21 -15.30
N ALA A 421 -29.00 7.28 -15.57
CA ALA A 421 -28.57 6.44 -14.48
C ALA A 421 -27.20 6.09 -15.07
N HIS A 422 -26.20 6.32 -14.23
CA HIS A 422 -24.91 5.96 -14.71
C HIS A 422 -24.53 4.58 -14.22
N LEU A 423 -23.63 4.06 -14.99
CA LEU A 423 -23.18 2.76 -14.52
C LEU A 423 -21.79 2.73 -15.13
N PHE A 424 -20.85 2.08 -14.49
CA PHE A 424 -19.55 2.15 -15.15
C PHE A 424 -18.98 0.78 -15.08
N PHE A 425 -18.36 0.46 -16.23
CA PHE A 425 -17.62 -0.76 -16.55
C PHE A 425 -16.19 -0.23 -16.47
N SER A 426 -15.25 -0.98 -15.94
CA SER A 426 -13.92 -0.41 -15.78
C SER A 426 -12.74 -1.35 -15.73
N PRO A 427 -12.63 -2.06 -16.81
CA PRO A 427 -11.57 -3.02 -17.07
C PRO A 427 -10.34 -2.16 -16.89
N ILE A 428 -9.22 -2.81 -16.60
CA ILE A 428 -8.01 -2.03 -16.38
C ILE A 428 -7.14 -2.60 -17.45
N ALA A 429 -6.43 -1.70 -18.10
CA ALA A 429 -5.55 -2.06 -19.18
C ALA A 429 -4.26 -1.32 -19.10
N LYS A 430 -3.26 -1.95 -19.72
CA LYS A 430 -1.91 -1.42 -19.80
C LYS A 430 -1.88 -0.08 -20.48
N VAL A 431 -0.79 0.62 -20.23
CA VAL A 431 -0.60 1.90 -20.86
C VAL A 431 0.15 1.43 -22.10
N SER A 432 -0.61 1.16 -23.17
CA SER A 432 -0.19 0.68 -24.49
C SER A 432 -1.37 1.11 -25.36
N GLY A 433 -1.01 1.87 -26.39
CA GLY A 433 -1.97 2.42 -27.33
C GLY A 433 -2.70 1.28 -27.99
N GLU A 434 -1.94 0.22 -28.20
CA GLU A 434 -2.48 -0.96 -28.82
C GLU A 434 -3.64 -1.57 -28.02
N ASP A 435 -3.21 -1.88 -26.82
CA ASP A 435 -4.02 -2.50 -25.83
C ASP A 435 -5.18 -1.55 -25.59
N ALA A 436 -4.85 -0.28 -25.46
CA ALA A 436 -5.90 0.69 -25.21
C ALA A 436 -6.99 0.65 -26.27
N MET A 437 -6.52 0.57 -27.50
CA MET A 437 -7.32 0.56 -28.69
C MET A 437 -8.11 -0.75 -28.73
N MET A 438 -7.33 -1.82 -28.54
CA MET A 438 -7.76 -3.21 -28.52
C MET A 438 -8.86 -3.37 -27.48
N GLN A 439 -8.64 -2.76 -26.33
CA GLN A 439 -9.64 -2.85 -25.30
C GLN A 439 -10.94 -2.22 -25.79
N TYR A 440 -10.84 -0.93 -26.07
CA TYR A 440 -11.89 -0.06 -26.55
C TYR A 440 -12.85 -0.63 -27.60
N ALA A 441 -12.22 -1.23 -28.61
CA ALA A 441 -12.88 -1.83 -29.76
C ALA A 441 -13.99 -2.67 -29.17
N VAL A 442 -13.51 -3.59 -28.35
CA VAL A 442 -14.38 -4.52 -27.67
C VAL A 442 -15.56 -3.83 -27.02
N THR A 443 -15.22 -2.90 -26.14
CA THR A 443 -16.16 -2.12 -25.36
C THR A 443 -17.21 -1.40 -26.14
N LYS A 444 -16.73 -0.75 -27.16
CA LYS A 444 -17.61 0.00 -27.99
C LYS A 444 -18.63 -0.89 -28.75
N LYS A 445 -18.05 -1.92 -29.37
CA LYS A 445 -18.76 -2.92 -30.18
C LYS A 445 -20.05 -3.41 -29.51
N ARG A 446 -19.90 -3.65 -28.23
CA ARG A 446 -20.99 -4.13 -27.42
C ARG A 446 -21.98 -3.01 -27.12
N CYS A 447 -21.45 -1.82 -26.88
CA CYS A 447 -22.30 -0.67 -26.57
C CYS A 447 -23.18 -0.54 -27.78
N GLN A 448 -22.57 -0.87 -28.91
CA GLN A 448 -23.30 -0.81 -30.17
C GLN A 448 -24.47 -1.74 -30.00
N GLU A 449 -24.06 -3.01 -30.00
CA GLU A 449 -24.95 -4.14 -29.86
C GLU A 449 -26.01 -3.76 -28.85
N ALA A 450 -25.60 -3.08 -27.78
CA ALA A 450 -26.51 -2.63 -26.74
C ALA A 450 -27.50 -1.53 -27.11
N GLY A 451 -27.31 -0.92 -28.28
CA GLY A 451 -28.23 0.17 -28.63
C GLY A 451 -27.67 1.37 -27.90
N LEU A 452 -26.43 1.17 -27.46
CA LEU A 452 -25.61 2.13 -26.72
C LEU A 452 -24.51 3.03 -27.23
N ASP A 453 -24.57 4.26 -26.76
CA ASP A 453 -23.51 5.18 -27.14
C ASP A 453 -22.31 4.84 -26.30
N PHE A 454 -21.20 4.57 -26.98
CA PHE A 454 -20.04 4.27 -26.18
C PHE A 454 -19.77 5.64 -25.59
N ILE A 455 -19.26 5.69 -24.36
CA ILE A 455 -18.93 6.93 -23.67
C ILE A 455 -17.91 6.44 -22.66
N GLY A 456 -16.73 7.05 -22.63
CA GLY A 456 -15.75 6.54 -21.68
C GLY A 456 -14.43 7.32 -21.67
N THR A 457 -13.47 6.83 -20.89
CA THR A 457 -12.18 7.49 -20.74
C THR A 457 -11.15 6.62 -20.11
N PHE A 458 -9.91 6.87 -20.49
CA PHE A 458 -8.78 6.18 -19.95
C PHE A 458 -8.06 7.07 -18.97
N THR A 459 -8.21 6.83 -17.67
CA THR A 459 -7.46 7.69 -16.77
C THR A 459 -6.13 6.97 -16.65
N VAL A 460 -5.10 7.77 -16.73
CA VAL A 460 -3.88 7.04 -16.65
C VAL A 460 -3.21 6.83 -15.33
N GLY A 461 -3.08 5.54 -15.03
CA GLY A 461 -2.43 5.16 -13.81
C GLY A 461 -0.98 5.27 -14.23
N MET A 462 -0.07 5.21 -13.29
CA MET A 462 1.32 5.26 -13.62
C MET A 462 1.76 4.01 -14.37
N ARG A 463 1.17 2.84 -14.17
CA ARG A 463 1.79 1.79 -14.97
C ARG A 463 0.66 0.94 -15.45
N GLU A 464 -0.55 1.50 -15.31
CA GLU A 464 -1.68 0.72 -15.74
C GLU A 464 -2.71 1.77 -16.10
N MET A 465 -3.76 1.39 -16.82
CA MET A 465 -4.77 2.38 -17.17
C MET A 465 -6.18 1.93 -17.01
N HIS A 466 -6.88 2.73 -16.23
CA HIS A 466 -8.29 2.51 -15.93
C HIS A 466 -9.31 3.00 -16.98
N HIS A 467 -9.85 2.12 -17.84
CA HIS A 467 -10.85 2.49 -18.87
C HIS A 467 -12.28 2.53 -18.32
N ILE A 468 -12.77 3.74 -18.05
CA ILE A 468 -14.11 3.85 -17.51
C ILE A 468 -15.26 3.96 -18.49
N VAL A 469 -15.87 2.83 -18.80
CA VAL A 469 -16.98 2.94 -19.71
C VAL A 469 -18.18 3.53 -18.99
N CYS A 470 -18.64 4.68 -19.46
CA CYS A 470 -19.78 5.34 -18.85
C CYS A 470 -21.06 5.01 -19.58
N ILE A 471 -21.82 4.17 -18.91
CA ILE A 471 -23.08 3.76 -19.45
C ILE A 471 -24.23 4.50 -18.83
N VAL A 472 -24.85 5.42 -19.56
CA VAL A 472 -26.01 6.06 -18.95
C VAL A 472 -27.06 5.10 -19.48
N PHE A 473 -28.26 5.28 -19.00
CA PHE A 473 -29.27 4.41 -19.52
C PHE A 473 -30.36 5.03 -18.69
N ASN A 474 -31.53 4.77 -19.23
CA ASN A 474 -32.83 5.18 -18.75
C ASN A 474 -33.37 4.31 -17.61
N LYS A 475 -33.35 4.82 -16.37
CA LYS A 475 -33.85 4.02 -15.26
C LYS A 475 -35.31 3.47 -15.30
N LYS A 476 -36.12 3.89 -16.28
CA LYS A 476 -37.52 3.45 -16.44
C LYS A 476 -37.94 2.51 -17.61
N ASP A 477 -37.00 2.32 -18.54
CA ASP A 477 -37.09 1.47 -19.75
C ASP A 477 -36.50 0.08 -19.50
N LEU A 478 -37.34 -0.82 -18.97
CA LEU A 478 -36.94 -2.20 -18.67
C LEU A 478 -36.25 -2.92 -19.83
N ILE A 479 -36.58 -2.53 -21.04
CA ILE A 479 -35.96 -3.19 -22.17
C ILE A 479 -34.47 -2.90 -22.22
N GLN A 480 -34.15 -1.62 -22.03
CA GLN A 480 -32.79 -1.13 -22.06
C GLN A 480 -31.96 -1.58 -20.90
N LYS A 481 -32.59 -1.51 -19.73
CA LYS A 481 -31.88 -1.92 -18.54
C LYS A 481 -31.40 -3.33 -18.71
N ARG A 482 -32.27 -4.20 -19.23
CA ARG A 482 -31.87 -5.59 -19.42
C ARG A 482 -30.70 -5.68 -20.42
N LYS A 483 -30.78 -4.76 -21.38
CA LYS A 483 -29.77 -4.66 -22.43
C LYS A 483 -28.47 -4.33 -21.72
N VAL A 484 -28.58 -3.44 -20.74
CA VAL A 484 -27.41 -3.01 -20.00
C VAL A 484 -26.76 -4.13 -19.18
N GLN A 485 -27.63 -4.94 -18.54
CA GLN A 485 -27.16 -6.06 -17.73
C GLN A 485 -26.47 -7.07 -18.63
N TRP A 486 -27.10 -7.22 -19.79
CA TRP A 486 -26.54 -8.14 -20.74
C TRP A 486 -25.16 -7.63 -21.11
N LEU A 487 -25.13 -6.38 -21.53
CA LEU A 487 -23.91 -5.67 -21.93
C LEU A 487 -22.83 -5.84 -20.87
N MET A 488 -23.24 -5.48 -19.66
CA MET A 488 -22.31 -5.58 -18.59
C MET A 488 -21.57 -6.87 -18.46
N ARG A 489 -22.41 -7.83 -18.10
CA ARG A 489 -21.93 -9.16 -17.86
C ARG A 489 -21.19 -9.71 -19.03
N THR A 490 -21.57 -9.15 -20.18
CA THR A 490 -20.96 -9.56 -21.43
C THR A 490 -19.54 -9.03 -21.48
N LEU A 491 -19.44 -7.71 -21.30
CA LEU A 491 -18.16 -7.06 -21.34
C LEU A 491 -17.21 -7.66 -20.35
N ILE A 492 -17.76 -7.99 -19.18
CA ILE A 492 -16.94 -8.58 -18.14
C ILE A 492 -16.24 -9.82 -18.67
N ASP A 493 -17.04 -10.65 -19.34
CA ASP A 493 -16.50 -11.89 -19.89
C ASP A 493 -15.40 -11.78 -20.93
N ASP A 494 -15.59 -10.80 -21.80
CA ASP A 494 -14.68 -10.51 -22.88
C ASP A 494 -13.43 -9.95 -22.30
N CYS A 495 -13.62 -8.94 -21.45
CA CYS A 495 -12.44 -8.31 -20.90
C CYS A 495 -11.49 -9.32 -20.31
N ALA A 496 -12.05 -10.14 -19.47
CA ALA A 496 -11.26 -11.18 -18.86
C ALA A 496 -10.72 -12.13 -19.92
N ALA A 497 -11.48 -12.31 -20.99
CA ALA A 497 -11.06 -13.22 -22.06
C ALA A 497 -9.74 -12.74 -22.64
N ASN A 498 -9.61 -11.44 -22.52
CA ASN A 498 -8.45 -10.67 -22.93
C ASN A 498 -7.48 -10.35 -21.79
N GLY A 499 -7.80 -10.78 -20.58
CA GLY A 499 -6.88 -10.46 -19.51
C GLY A 499 -7.04 -9.08 -18.89
N TRP A 500 -8.26 -8.55 -18.70
CA TRP A 500 -8.40 -7.23 -18.09
C TRP A 500 -9.46 -7.41 -17.06
N GLY A 501 -9.14 -6.91 -15.87
CA GLY A 501 -10.08 -7.02 -14.78
C GLY A 501 -10.76 -5.72 -14.47
N GLU A 502 -11.94 -5.82 -13.88
CA GLU A 502 -12.56 -4.58 -13.52
C GLU A 502 -11.97 -4.33 -12.13
N TYR A 503 -12.07 -3.13 -11.57
CA TYR A 503 -11.44 -2.97 -10.27
C TYR A 503 -12.50 -2.45 -9.38
N ARG A 504 -13.70 -2.27 -9.91
CA ARG A 504 -14.71 -1.75 -9.00
C ARG A 504 -16.07 -2.00 -9.63
N THR A 505 -17.14 -2.16 -8.87
CA THR A 505 -18.32 -2.47 -9.66
C THR A 505 -19.55 -2.30 -8.87
N HIS A 506 -20.64 -2.33 -9.59
CA HIS A 506 -21.90 -2.17 -8.97
C HIS A 506 -22.20 -3.40 -8.18
N LEU A 507 -23.19 -3.30 -7.29
CA LEU A 507 -23.59 -4.41 -6.44
C LEU A 507 -23.91 -5.64 -7.22
N ALA A 508 -24.78 -5.40 -8.18
CA ALA A 508 -25.20 -6.51 -9.01
C ALA A 508 -24.16 -7.26 -9.82
N PHE A 509 -22.85 -7.03 -9.67
CA PHE A 509 -21.89 -7.77 -10.49
C PHE A 509 -20.64 -8.17 -9.77
N MET A 510 -20.67 -7.82 -8.49
CA MET A 510 -19.53 -8.12 -7.63
C MET A 510 -19.03 -9.53 -7.78
N ASP A 511 -20.03 -10.39 -7.94
CA ASP A 511 -19.77 -11.80 -8.10
C ASP A 511 -19.09 -12.26 -9.33
N GLN A 512 -19.72 -11.79 -10.41
CA GLN A 512 -19.24 -12.13 -11.72
C GLN A 512 -17.86 -11.57 -11.69
N ILE A 513 -17.77 -10.37 -11.13
CA ILE A 513 -16.44 -9.82 -11.09
C ILE A 513 -15.41 -10.56 -10.29
N MET A 514 -15.79 -10.96 -9.09
CA MET A 514 -14.85 -11.68 -8.27
C MET A 514 -14.47 -13.00 -8.91
N GLU A 515 -15.40 -13.59 -9.62
CA GLU A 515 -15.08 -14.85 -10.26
C GLU A 515 -14.05 -14.77 -11.40
N THR A 516 -13.89 -13.59 -11.99
CA THR A 516 -12.93 -13.49 -13.10
C THR A 516 -11.57 -13.78 -12.55
N TYR A 517 -11.41 -13.30 -11.33
CA TYR A 517 -10.19 -13.41 -10.56
C TYR A 517 -10.02 -14.81 -10.12
N ASN A 518 -10.27 -15.74 -11.01
CA ASN A 518 -10.13 -17.13 -10.62
C ASN A 518 -8.86 -17.96 -10.67
N TRP A 519 -7.69 -17.32 -10.69
CA TRP A 519 -6.47 -18.11 -10.77
C TRP A 519 -6.46 -19.20 -9.73
N ASN A 520 -5.82 -20.28 -10.14
CA ASN A 520 -5.68 -21.48 -9.35
C ASN A 520 -6.91 -21.87 -8.59
N ASN A 521 -8.03 -21.80 -9.27
CA ASN A 521 -9.24 -22.20 -8.58
C ASN A 521 -9.83 -21.34 -7.47
N SER A 522 -9.94 -20.04 -7.66
CA SER A 522 -10.55 -19.16 -6.67
C SER A 522 -9.81 -19.02 -5.35
N SER A 523 -8.59 -19.51 -5.49
CA SER A 523 -7.62 -19.55 -4.42
C SER A 523 -7.65 -18.34 -3.55
N PHE A 524 -7.79 -17.19 -4.19
CA PHE A 524 -7.86 -15.90 -3.56
C PHE A 524 -9.22 -15.78 -2.89
N LEU A 525 -10.32 -15.90 -3.64
CA LEU A 525 -11.64 -15.79 -3.01
C LEU A 525 -11.75 -16.67 -1.79
N ARG A 526 -11.27 -17.88 -1.98
CA ARG A 526 -11.29 -18.82 -0.89
C ARG A 526 -10.56 -18.29 0.34
N PHE A 527 -9.33 -17.83 0.12
CA PHE A 527 -8.53 -17.30 1.23
C PHE A 527 -9.32 -16.25 1.96
N ASN A 528 -9.87 -15.38 1.15
CA ASN A 528 -10.65 -14.30 1.70
C ASN A 528 -11.73 -14.81 2.57
N GLU A 529 -12.52 -15.71 2.01
CA GLU A 529 -13.63 -16.24 2.78
C GLU A 529 -13.18 -16.71 4.14
N VAL A 530 -12.09 -17.44 4.14
CA VAL A 530 -11.56 -17.91 5.38
C VAL A 530 -11.35 -16.78 6.36
N LEU A 531 -10.77 -15.69 5.87
CA LEU A 531 -10.53 -14.59 6.76
C LEU A 531 -11.86 -13.96 7.21
N LYS A 532 -12.80 -13.77 6.30
CA LYS A 532 -14.06 -13.16 6.70
C LYS A 532 -14.71 -14.04 7.75
N ASN A 533 -14.50 -15.33 7.55
CA ASN A 533 -15.11 -16.21 8.53
C ASN A 533 -14.65 -16.07 9.91
N ALA A 534 -13.33 -16.21 10.02
CA ALA A 534 -12.63 -16.09 11.28
C ALA A 534 -13.08 -14.80 11.99
N VAL A 535 -13.04 -13.68 11.27
CA VAL A 535 -13.42 -12.42 11.84
C VAL A 535 -14.87 -12.06 11.91
N ASP A 536 -15.75 -12.70 11.14
CA ASP A 536 -17.14 -12.28 11.23
C ASP A 536 -17.96 -13.55 11.15
N PRO A 537 -17.60 -14.36 12.14
CA PRO A 537 -18.12 -15.68 12.45
C PRO A 537 -19.59 -15.61 12.10
N ASN A 538 -20.26 -14.53 12.48
CA ASN A 538 -21.67 -14.36 12.13
C ASN A 538 -22.09 -13.76 10.82
N GLY A 539 -21.22 -13.24 9.95
CA GLY A 539 -21.73 -12.66 8.70
C GLY A 539 -22.52 -11.34 8.77
N ILE A 540 -22.58 -10.69 9.91
CA ILE A 540 -23.30 -9.43 10.05
C ILE A 540 -22.80 -8.27 9.25
N ILE A 541 -21.50 -8.31 9.13
CA ILE A 541 -20.97 -7.19 8.39
C ILE A 541 -21.05 -7.31 6.92
N ALA A 542 -21.85 -6.43 6.34
CA ALA A 542 -21.91 -6.41 4.91
C ALA A 542 -21.68 -7.65 4.06
N PRO A 543 -22.37 -8.73 4.36
CA PRO A 543 -22.19 -9.93 3.54
C PRO A 543 -22.56 -9.66 2.06
N GLY A 544 -21.79 -10.34 1.21
CA GLY A 544 -21.86 -10.29 -0.25
C GLY A 544 -20.92 -9.25 -0.87
N LYS A 545 -20.37 -8.34 -0.08
CA LYS A 545 -19.46 -7.34 -0.63
C LYS A 545 -18.20 -7.91 -1.23
N SER A 546 -17.92 -7.36 -2.42
CA SER A 546 -16.76 -7.72 -3.23
C SER A 546 -16.95 -9.18 -3.55
N GLY A 547 -18.23 -9.51 -3.43
CA GLY A 547 -18.68 -10.85 -3.69
C GLY A 547 -18.13 -11.78 -2.64
N VAL A 548 -17.85 -11.28 -1.43
CA VAL A 548 -17.35 -12.21 -0.41
C VAL A 548 -18.54 -12.55 0.51
N TRP A 549 -18.80 -13.83 0.79
CA TRP A 549 -19.94 -14.27 1.62
C TRP A 549 -19.62 -15.19 2.81
N PRO A 550 -20.13 -14.79 3.98
CA PRO A 550 -19.96 -15.52 5.23
C PRO A 550 -20.67 -16.83 4.98
N SER A 551 -20.13 -17.92 5.50
CA SER A 551 -20.69 -19.27 5.31
C SER A 551 -22.16 -19.36 5.67
N GLN A 552 -22.62 -18.38 6.43
CA GLN A 552 -24.00 -18.28 6.87
C GLN A 552 -24.86 -18.01 5.63
N TYR A 553 -24.19 -17.59 4.56
CA TYR A 553 -24.81 -17.32 3.27
C TYR A 553 -24.68 -18.32 2.14
N SER A 554 -25.81 -18.78 1.62
CA SER A 554 -25.82 -19.74 0.52
C SER A 554 -25.13 -19.13 -0.72
N HIS A 555 -24.04 -19.73 -1.19
CA HIS A 555 -23.48 -19.10 -2.36
C HIS A 555 -24.51 -19.35 -3.44
N VAL A 556 -25.23 -20.46 -3.23
CA VAL A 556 -26.27 -20.87 -4.16
C VAL A 556 -27.43 -19.91 -4.19
N THR A 557 -27.89 -19.54 -3.01
CA THR A 557 -29.01 -18.63 -2.93
C THR A 557 -28.55 -17.20 -3.19
N TRP A 558 -27.29 -16.97 -2.86
CA TRP A 558 -26.76 -15.65 -3.03
C TRP A 558 -26.06 -15.06 -4.21
N LYS A 559 -25.15 -15.81 -4.82
CA LYS A 559 -24.43 -15.24 -5.97
C LYS A 559 -25.38 -14.76 -7.10
N LEU A 560 -24.78 -14.19 -8.15
CA LEU A 560 -25.37 -13.65 -9.39
C LEU A 560 -24.17 -13.50 -10.33
N GLU B 6 21.67 -36.61 10.51
CA GLU B 6 20.24 -36.73 10.17
C GLU B 6 19.36 -37.18 11.34
N PHE B 7 19.90 -38.11 12.11
CA PHE B 7 19.28 -38.72 13.28
C PHE B 7 19.03 -37.91 14.56
N ARG B 8 19.96 -37.04 14.98
CA ARG B 8 19.72 -36.37 16.26
C ARG B 8 20.21 -34.95 16.35
N PRO B 9 19.37 -34.04 15.89
CA PRO B 9 19.66 -32.62 15.91
C PRO B 9 19.83 -32.24 17.37
N LEU B 10 20.39 -31.05 17.61
CA LEU B 10 20.58 -30.59 18.98
C LEU B 10 19.31 -30.01 19.50
N THR B 11 18.33 -29.78 18.65
CA THR B 11 17.13 -29.20 19.22
C THR B 11 15.83 -29.54 18.55
N LEU B 12 14.91 -30.00 19.37
CA LEU B 12 13.64 -30.33 18.80
C LEU B 12 12.75 -29.15 19.02
N PRO B 13 11.81 -29.09 18.10
CA PRO B 13 10.75 -28.09 18.06
C PRO B 13 9.87 -28.61 19.17
N PRO B 14 8.78 -27.90 19.40
CA PRO B 14 7.90 -28.37 20.45
C PRO B 14 7.08 -29.65 20.23
N LYS B 15 6.92 -30.36 21.34
CA LYS B 15 6.16 -31.60 21.46
C LYS B 15 6.63 -32.61 20.46
N LEU B 16 7.81 -32.37 19.92
CA LEU B 16 8.20 -33.35 18.94
C LEU B 16 9.03 -34.53 19.43
N SER B 17 8.69 -35.73 18.98
CA SER B 17 9.48 -36.89 19.39
C SER B 17 10.64 -37.08 18.43
N LEU B 18 11.66 -37.75 18.95
CA LEU B 18 12.81 -37.97 18.12
C LEU B 18 12.44 -38.82 16.93
N SER B 19 11.68 -39.88 17.16
CA SER B 19 11.34 -40.71 16.01
C SER B 19 10.64 -39.89 14.95
N ASP B 20 9.70 -39.09 15.43
CA ASP B 20 8.96 -38.24 14.52
C ASP B 20 9.91 -37.35 13.74
N PHE B 21 10.82 -36.68 14.44
CA PHE B 21 11.75 -35.81 13.74
C PHE B 21 12.38 -36.56 12.59
N ASN B 22 12.85 -37.73 12.96
CA ASN B 22 13.50 -38.66 12.07
C ASN B 22 12.69 -39.07 10.90
N GLU B 23 11.41 -39.33 11.16
CA GLU B 23 10.56 -39.74 10.06
C GLU B 23 10.39 -38.51 9.17
N PHE B 24 10.00 -37.41 9.80
CA PHE B 24 9.77 -36.17 9.12
C PHE B 24 11.02 -35.87 8.31
N ILE B 25 12.14 -35.77 9.04
CA ILE B 25 13.37 -35.47 8.34
C ILE B 25 13.60 -36.47 7.22
N GLN B 26 13.31 -37.75 7.44
CA GLN B 26 13.49 -38.76 6.39
C GLN B 26 12.75 -38.60 5.08
N ASP B 27 11.45 -38.35 5.21
CA ASP B 27 10.60 -38.16 4.03
C ASP B 27 11.11 -36.92 3.33
N ILE B 28 11.57 -35.99 4.13
CA ILE B 28 12.05 -34.80 3.49
C ILE B 28 13.28 -35.07 2.66
N ILE B 29 14.20 -35.89 3.15
CA ILE B 29 15.38 -36.17 2.36
C ILE B 29 14.84 -36.87 1.11
N ARG B 30 13.89 -37.78 1.36
CA ARG B 30 13.23 -38.56 0.32
C ARG B 30 12.55 -37.75 -0.76
N ILE B 31 12.81 -36.45 -0.81
CA ILE B 31 12.20 -35.62 -1.84
C ILE B 31 13.16 -34.57 -2.35
N VAL B 32 13.62 -33.70 -1.45
CA VAL B 32 14.54 -32.65 -1.85
C VAL B 32 15.96 -33.13 -2.02
N GLY B 33 16.22 -34.38 -1.68
CA GLY B 33 17.58 -34.86 -1.81
C GLY B 33 18.31 -34.47 -0.54
N SER B 34 19.20 -35.40 -0.27
CA SER B 34 20.11 -35.42 0.85
C SER B 34 20.91 -34.15 0.67
N GLU B 35 20.94 -33.69 -0.58
CA GLU B 35 21.65 -32.47 -0.84
C GLU B 35 21.02 -31.25 -0.24
N ASN B 36 19.70 -31.33 -0.20
CA ASN B 36 18.89 -30.28 0.31
C ASN B 36 18.59 -30.13 1.76
N VAL B 37 19.22 -31.02 2.49
CA VAL B 37 18.97 -30.97 3.92
C VAL B 37 20.22 -31.06 4.73
N GLU B 38 20.22 -30.29 5.80
CA GLU B 38 21.40 -30.34 6.64
C GLU B 38 20.87 -30.45 8.02
N VAL B 39 21.19 -31.61 8.59
CA VAL B 39 20.78 -31.82 9.94
C VAL B 39 21.80 -31.37 10.96
N ILE B 40 21.27 -30.61 11.90
CA ILE B 40 22.06 -30.06 12.99
C ILE B 40 22.18 -30.88 14.28
N SER B 41 23.09 -31.85 14.17
CA SER B 41 23.50 -32.85 15.15
C SER B 41 24.42 -32.47 16.32
N SER B 42 25.36 -31.54 16.11
CA SER B 42 26.20 -31.19 17.26
C SER B 42 26.68 -29.75 17.23
N LYS B 43 27.02 -29.30 18.42
CA LYS B 43 27.48 -27.94 18.61
C LYS B 43 28.53 -27.45 17.61
N ASP B 44 29.24 -28.35 16.94
CA ASP B 44 30.26 -27.96 15.96
C ASP B 44 29.74 -27.01 14.86
N GLN B 45 28.54 -26.47 15.09
CA GLN B 45 27.73 -25.51 14.33
C GLN B 45 28.24 -24.11 14.61
N ILE B 46 29.10 -24.09 15.63
CA ILE B 46 29.82 -22.96 16.23
C ILE B 46 30.17 -21.95 15.16
N VAL B 47 30.26 -22.51 13.96
CA VAL B 47 30.56 -21.80 12.74
C VAL B 47 29.40 -20.83 12.51
N ASP B 48 29.71 -19.58 12.81
CA ASP B 48 28.85 -18.42 12.68
C ASP B 48 28.69 -18.03 11.22
N GLY B 49 29.75 -18.09 10.43
CA GLY B 49 29.48 -17.67 9.07
C GLY B 49 30.45 -16.70 8.42
N SER B 50 29.83 -15.69 7.83
CA SER B 50 30.47 -14.58 7.13
C SER B 50 29.27 -13.89 6.46
N TYR B 51 29.48 -12.75 5.82
CA TYR B 51 28.36 -12.09 5.17
C TYR B 51 28.43 -12.72 3.80
N MET B 52 29.63 -13.14 3.41
CA MET B 52 29.78 -13.76 2.11
C MET B 52 29.00 -15.07 1.96
N LYS B 53 28.98 -15.88 3.03
CA LYS B 53 28.21 -17.12 2.98
C LYS B 53 27.73 -17.43 4.35
N PRO B 54 26.50 -16.95 4.51
CA PRO B 54 25.74 -17.04 5.73
C PRO B 54 25.39 -18.41 6.27
N THR B 55 25.28 -18.42 7.61
CA THR B 55 24.91 -19.60 8.37
C THR B 55 23.42 -19.46 8.50
N HIS B 56 22.76 -20.57 8.32
CA HIS B 56 21.32 -20.51 8.44
C HIS B 56 20.75 -21.05 9.75
N THR B 57 21.62 -21.73 10.47
CA THR B 57 21.28 -22.35 11.73
C THR B 57 20.92 -21.41 12.86
N HIS B 58 21.54 -20.23 12.83
CA HIS B 58 21.32 -19.26 13.87
C HIS B 58 21.66 -17.83 13.52
N ASP B 59 21.68 -17.12 14.64
CA ASP B 59 22.00 -15.71 14.79
C ASP B 59 23.54 -15.60 14.88
N PRO B 60 24.11 -15.05 13.82
CA PRO B 60 25.55 -14.85 13.68
C PRO B 60 25.96 -13.88 14.76
N HIS B 61 25.45 -12.64 14.67
CA HIS B 61 25.73 -11.57 15.64
C HIS B 61 24.89 -12.08 16.76
N HIS B 62 25.39 -12.90 17.67
CA HIS B 62 24.49 -13.36 18.71
C HIS B 62 24.41 -12.60 20.02
N VAL B 63 23.20 -12.14 20.32
CA VAL B 63 22.91 -11.37 21.53
C VAL B 63 22.52 -12.29 22.70
N MET B 64 21.65 -13.26 22.43
CA MET B 64 21.25 -14.19 23.48
C MET B 64 22.33 -15.26 23.44
N ASP B 65 22.00 -16.45 23.92
CA ASP B 65 22.95 -17.56 23.92
C ASP B 65 23.17 -17.70 22.41
N GLN B 66 24.38 -17.95 21.88
CA GLN B 66 24.55 -18.05 20.40
C GLN B 66 23.50 -19.04 19.84
N ASP B 67 23.58 -20.20 20.47
CA ASP B 67 22.77 -21.38 20.30
C ASP B 67 21.31 -21.10 20.73
N TYR B 68 20.99 -19.90 21.24
CA TYR B 68 19.63 -19.60 21.69
C TYR B 68 18.48 -19.87 20.69
N PHE B 69 18.44 -19.15 19.55
CA PHE B 69 17.42 -19.36 18.50
C PHE B 69 18.11 -20.31 17.49
N LEU B 70 17.60 -21.52 17.33
CA LEU B 70 18.27 -22.42 16.42
C LEU B 70 17.51 -23.55 15.73
N ALA B 71 17.84 -23.75 14.46
CA ALA B 71 17.23 -24.76 13.63
C ALA B 71 17.41 -26.16 14.16
N SER B 72 16.60 -27.08 13.67
CA SER B 72 16.77 -28.45 14.09
C SER B 72 17.51 -28.94 12.84
N ALA B 73 17.21 -28.37 11.66
CA ALA B 73 17.84 -28.75 10.39
C ALA B 73 17.48 -27.78 9.31
N ILE B 74 18.09 -27.92 8.14
CA ILE B 74 17.71 -26.95 7.15
C ILE B 74 17.33 -27.55 5.84
N VAL B 75 16.36 -26.90 5.23
CA VAL B 75 15.99 -27.50 3.99
C VAL B 75 15.85 -26.56 2.85
N ALA B 76 16.50 -27.04 1.81
CA ALA B 76 16.52 -26.33 0.56
C ALA B 76 15.42 -26.88 -0.35
N PRO B 77 14.23 -26.27 -0.37
CA PRO B 77 13.19 -26.77 -1.27
C PRO B 77 13.84 -26.39 -2.63
N ARG B 78 13.75 -27.31 -3.59
CA ARG B 78 14.25 -27.26 -4.99
C ARG B 78 13.27 -26.54 -5.92
N ASN B 79 11.99 -26.55 -5.58
CA ASN B 79 10.95 -25.93 -6.39
C ASN B 79 9.67 -25.74 -5.55
N VAL B 80 8.74 -24.91 -6.01
CA VAL B 80 7.52 -24.70 -5.22
C VAL B 80 6.78 -25.92 -4.73
N ALA B 81 6.70 -26.89 -5.61
CA ALA B 81 6.00 -28.12 -5.29
C ALA B 81 6.66 -28.64 -4.04
N ASP B 82 7.97 -28.44 -4.04
CA ASP B 82 8.70 -28.89 -2.88
C ASP B 82 8.20 -28.21 -1.63
N VAL B 83 8.19 -26.87 -1.70
CA VAL B 83 7.73 -26.10 -0.57
C VAL B 83 6.37 -26.64 -0.16
N GLN B 84 5.55 -26.89 -1.17
CA GLN B 84 4.23 -27.43 -0.87
C GLN B 84 4.23 -28.73 -0.12
N SER B 85 5.11 -29.64 -0.49
CA SER B 85 5.13 -30.94 0.18
C SER B 85 5.53 -30.91 1.65
N ILE B 86 6.52 -30.08 1.93
CA ILE B 86 7.08 -29.90 3.25
C ILE B 86 6.04 -29.28 4.13
N VAL B 87 5.31 -28.36 3.52
CA VAL B 87 4.26 -27.71 4.30
C VAL B 87 3.38 -28.84 4.75
N GLY B 88 3.13 -29.75 3.82
CA GLY B 88 2.31 -30.88 4.15
C GLY B 88 2.85 -31.65 5.33
N LEU B 89 4.16 -31.93 5.27
CA LEU B 89 4.81 -32.66 6.33
C LEU B 89 4.84 -31.88 7.60
N ALA B 90 5.20 -30.61 7.50
CA ALA B 90 5.25 -29.76 8.69
C ALA B 90 3.82 -29.90 9.20
N ASN B 91 2.86 -29.94 8.28
CA ASN B 91 1.55 -30.12 8.86
C ASN B 91 1.31 -31.50 9.39
N LYS B 92 1.80 -32.51 8.70
CA LYS B 92 1.53 -33.85 9.19
C LYS B 92 2.07 -33.98 10.60
N PHE B 93 3.32 -33.58 10.79
CA PHE B 93 3.98 -33.61 12.10
C PHE B 93 3.92 -32.41 12.97
N SER B 94 3.32 -31.33 12.49
CA SER B 94 3.28 -30.18 13.36
C SER B 94 4.72 -29.70 13.60
N PHE B 95 5.55 -29.82 12.58
CA PHE B 95 6.91 -29.36 12.72
C PHE B 95 6.79 -27.94 12.18
N PRO B 96 7.21 -26.90 12.87
CA PRO B 96 7.03 -25.62 12.21
C PRO B 96 8.25 -25.19 11.40
N LEU B 97 7.95 -24.31 10.46
CA LEU B 97 8.95 -23.77 9.57
C LEU B 97 9.50 -22.34 9.72
N TRP B 98 10.71 -22.12 9.21
CA TRP B 98 11.28 -20.79 9.29
C TRP B 98 11.87 -20.55 7.91
N PRO B 99 11.06 -19.86 7.14
CA PRO B 99 11.36 -19.52 5.77
C PRO B 99 12.26 -18.33 5.59
N ILE B 100 13.25 -18.51 4.74
CA ILE B 100 14.09 -17.37 4.56
C ILE B 100 14.51 -17.47 3.09
N SER B 101 14.79 -16.31 2.46
CA SER B 101 15.23 -16.15 1.06
C SER B 101 16.73 -16.18 1.08
N ILE B 102 17.22 -15.13 1.72
CA ILE B 102 18.66 -14.96 1.86
C ILE B 102 19.49 -15.53 3.00
N GLY B 103 19.36 -14.98 4.21
CA GLY B 103 20.15 -15.53 5.29
C GLY B 103 20.67 -14.30 5.99
N ARG B 104 20.68 -13.24 5.20
CA ARG B 104 21.17 -11.94 5.61
C ARG B 104 20.43 -11.06 6.60
N ASN B 105 19.34 -11.56 7.18
CA ASN B 105 18.66 -10.71 8.14
C ASN B 105 19.46 -10.41 9.42
N SER B 106 20.77 -10.28 9.23
CA SER B 106 21.81 -9.98 10.21
C SER B 106 21.47 -8.61 10.83
N GLY B 107 21.61 -8.50 12.16
CA GLY B 107 21.29 -7.26 12.85
C GLY B 107 19.80 -7.34 13.16
N TYR B 108 19.27 -8.50 12.83
CA TYR B 108 17.86 -8.83 13.04
C TYR B 108 17.73 -10.30 13.44
N GLY B 109 18.82 -11.06 13.23
CA GLY B 109 18.79 -12.46 13.61
C GLY B 109 19.35 -13.42 12.57
N GLY B 110 19.38 -12.95 11.32
CA GLY B 110 19.87 -13.77 10.21
C GLY B 110 18.89 -14.94 9.95
N ALA B 111 19.49 -16.10 9.70
CA ALA B 111 18.71 -17.29 9.44
C ALA B 111 18.12 -17.98 10.69
N ALA B 112 18.47 -17.49 11.87
CA ALA B 112 17.95 -18.08 13.08
C ALA B 112 16.43 -17.99 13.16
N PRO B 113 15.78 -19.12 13.46
CA PRO B 113 14.31 -19.23 13.59
C PRO B 113 13.93 -18.72 14.96
N ARG B 114 12.77 -18.07 15.07
CA ARG B 114 12.26 -17.51 16.33
C ARG B 114 12.20 -18.68 17.33
N VAL B 115 11.50 -19.73 16.90
CA VAL B 115 11.41 -20.91 17.74
C VAL B 115 12.51 -21.90 17.43
N SER B 116 13.27 -22.28 18.43
CA SER B 116 14.33 -23.23 18.17
C SER B 116 13.85 -24.66 17.86
N GLY B 117 14.65 -25.40 17.08
CA GLY B 117 14.33 -26.77 16.72
C GLY B 117 13.45 -26.79 15.50
N SER B 118 13.21 -25.60 14.98
CA SER B 118 12.41 -25.40 13.78
C SER B 118 13.16 -25.77 12.52
N VAL B 119 12.40 -25.76 11.44
CA VAL B 119 13.02 -26.05 10.19
C VAL B 119 13.30 -24.81 9.40
N VAL B 120 14.57 -24.63 9.08
CA VAL B 120 14.89 -23.49 8.27
C VAL B 120 14.68 -23.84 6.81
N LEU B 121 13.85 -23.02 6.20
CA LEU B 121 13.54 -23.26 4.82
C LEU B 121 14.37 -22.36 3.96
N ASP B 122 15.54 -22.84 3.57
CA ASP B 122 16.40 -22.03 2.73
C ASP B 122 15.72 -22.03 1.38
N MET B 123 14.89 -21.02 1.14
CA MET B 123 14.15 -20.84 -0.12
C MET B 123 15.01 -20.39 -1.25
N GLY B 124 15.93 -19.49 -0.96
CA GLY B 124 16.76 -19.00 -2.03
C GLY B 124 17.77 -19.95 -2.62
N LYS B 125 18.13 -20.99 -1.90
CA LYS B 125 19.14 -21.87 -2.45
C LYS B 125 18.99 -22.29 -3.88
N ASN B 126 17.87 -22.90 -4.17
CA ASN B 126 17.58 -23.36 -5.51
C ASN B 126 16.60 -22.44 -6.24
N MET B 127 15.85 -21.64 -5.50
CA MET B 127 14.92 -20.76 -6.18
C MET B 127 15.52 -19.39 -6.49
N ASN B 128 16.70 -19.37 -7.13
CA ASN B 128 17.47 -18.19 -7.52
C ASN B 128 17.01 -17.46 -8.78
N ARG B 129 15.85 -17.76 -9.35
CA ARG B 129 15.54 -17.07 -10.58
C ARG B 129 14.99 -15.69 -10.86
N VAL B 130 15.56 -15.12 -11.92
CA VAL B 130 15.06 -13.83 -12.34
C VAL B 130 14.05 -14.43 -13.25
N LEU B 131 12.79 -14.40 -12.86
CA LEU B 131 11.80 -14.97 -13.74
C LEU B 131 11.62 -14.03 -14.91
N GLU B 132 11.53 -12.74 -14.62
CA GLU B 132 11.35 -11.80 -15.71
C GLU B 132 11.67 -10.35 -15.38
N VAL B 133 11.95 -9.65 -16.46
CA VAL B 133 12.29 -8.25 -16.45
C VAL B 133 11.62 -7.83 -17.73
N ASN B 134 10.77 -6.84 -17.62
CA ASN B 134 10.01 -6.28 -18.70
C ASN B 134 10.26 -4.80 -18.64
N VAL B 135 10.71 -4.34 -19.79
CA VAL B 135 11.02 -2.96 -19.96
C VAL B 135 9.87 -1.98 -20.10
N GLU B 136 8.92 -2.38 -20.91
CA GLU B 136 7.78 -1.53 -21.15
C GLU B 136 6.92 -1.25 -19.91
N GLY B 137 6.95 -2.24 -19.02
CA GLY B 137 6.27 -2.30 -17.73
C GLY B 137 7.24 -1.73 -16.72
N ALA B 138 8.55 -1.87 -16.96
CA ALA B 138 9.50 -1.30 -16.00
C ALA B 138 9.35 -2.03 -14.69
N TYR B 139 9.54 -3.35 -14.76
CA TYR B 139 9.45 -4.19 -13.58
C TYR B 139 10.18 -5.51 -13.81
N CYS B 140 10.30 -6.31 -12.76
CA CYS B 140 10.96 -7.58 -12.89
C CYS B 140 10.16 -8.49 -11.96
N VAL B 141 10.43 -9.79 -12.06
CA VAL B 141 9.74 -10.77 -11.24
C VAL B 141 10.88 -11.70 -10.76
N VAL B 142 10.89 -11.90 -9.44
CA VAL B 142 11.95 -12.70 -8.85
C VAL B 142 11.59 -13.70 -7.77
N GLU B 143 12.56 -14.58 -7.64
CA GLU B 143 12.47 -15.60 -6.65
C GLU B 143 13.22 -15.10 -5.46
N PRO B 144 13.00 -15.75 -4.32
CA PRO B 144 13.66 -15.36 -3.08
C PRO B 144 15.16 -15.24 -3.35
N GLY B 145 15.76 -16.33 -3.79
CA GLY B 145 17.17 -16.35 -4.08
C GLY B 145 17.75 -15.21 -4.92
N VAL B 146 16.98 -14.44 -5.67
CA VAL B 146 17.65 -13.39 -6.43
C VAL B 146 18.18 -12.29 -5.52
N THR B 147 19.51 -12.22 -5.36
CA THR B 147 20.05 -11.17 -4.52
C THR B 147 20.07 -9.97 -5.43
N TYR B 148 20.30 -8.81 -4.82
CA TYR B 148 20.37 -7.55 -5.54
C TYR B 148 21.48 -7.54 -6.59
N HIS B 149 22.68 -8.00 -6.22
CA HIS B 149 23.82 -8.03 -7.14
C HIS B 149 23.35 -8.78 -8.39
N ASP B 150 22.78 -9.96 -8.17
CA ASP B 150 22.30 -10.75 -9.29
C ASP B 150 21.34 -9.94 -10.11
N LEU B 151 20.26 -9.46 -9.50
CA LEU B 151 19.27 -8.69 -10.24
C LEU B 151 19.98 -7.66 -11.10
N HIS B 152 21.09 -7.16 -10.57
CA HIS B 152 21.89 -6.18 -11.28
C HIS B 152 22.71 -6.69 -12.43
N ASN B 153 23.44 -7.75 -12.13
CA ASN B 153 24.28 -8.33 -13.16
C ASN B 153 23.31 -8.80 -14.24
N TYR B 154 22.10 -9.18 -13.84
CA TYR B 154 21.16 -9.63 -14.86
C TYR B 154 20.98 -8.48 -15.81
N LEU B 155 20.79 -7.29 -15.27
CA LEU B 155 20.61 -6.19 -16.21
C LEU B 155 21.77 -5.88 -17.12
N GLU B 156 22.94 -5.97 -16.53
CA GLU B 156 24.20 -5.69 -17.21
C GLU B 156 24.29 -6.67 -18.39
N ALA B 157 24.25 -7.95 -18.09
CA ALA B 157 24.35 -8.94 -19.15
C ALA B 157 23.22 -8.96 -20.17
N ASN B 158 22.25 -8.06 -20.07
CA ASN B 158 21.13 -8.02 -21.01
C ASN B 158 21.07 -6.57 -21.47
N ASN B 159 22.18 -5.88 -21.22
CA ASN B 159 22.33 -4.50 -21.63
C ASN B 159 21.17 -3.54 -21.29
N LEU B 160 20.40 -3.95 -20.30
CA LEU B 160 19.23 -3.20 -19.84
C LEU B 160 19.46 -1.98 -18.95
N ARG B 161 20.65 -1.97 -18.37
CA ARG B 161 21.09 -0.92 -17.48
C ARG B 161 20.79 0.43 -18.09
N ASP B 162 20.89 0.42 -19.39
CA ASP B 162 20.64 1.67 -20.01
C ASP B 162 19.17 1.96 -20.02
N LYS B 163 18.37 1.14 -19.36
CA LYS B 163 16.95 1.47 -19.48
C LYS B 163 16.21 1.30 -18.19
N LEU B 164 16.79 0.46 -17.36
CA LEU B 164 16.10 0.25 -16.11
C LEU B 164 17.10 0.13 -15.00
N TRP B 165 16.62 0.57 -13.84
CA TRP B 165 17.45 0.58 -12.67
C TRP B 165 16.79 0.09 -11.42
N LEU B 166 17.67 -0.51 -10.65
CA LEU B 166 17.33 -1.05 -9.36
C LEU B 166 17.23 0.07 -8.33
N ASP B 167 17.18 -0.42 -7.11
CA ASP B 167 17.11 0.38 -5.90
C ASP B 167 17.57 -0.63 -4.87
N VAL B 168 18.79 -0.39 -4.43
CA VAL B 168 19.49 -1.18 -3.44
C VAL B 168 19.52 -0.50 -2.07
N PRO B 169 19.82 -1.34 -1.10
CA PRO B 169 19.96 -0.94 0.29
C PRO B 169 21.46 -0.82 0.38
N ASP B 170 21.90 -0.33 1.53
CA ASP B 170 23.30 -0.14 1.84
C ASP B 170 24.11 -1.31 1.34
N LEU B 171 23.60 -2.53 1.48
CA LEU B 171 24.31 -3.71 1.02
C LEU B 171 23.91 -4.37 -0.29
N GLY B 172 24.88 -4.93 -0.98
CA GLY B 172 24.54 -5.55 -2.25
C GLY B 172 23.89 -6.92 -2.26
N GLY B 173 24.32 -7.76 -1.34
CA GLY B 173 23.84 -9.13 -1.21
C GLY B 173 22.40 -9.57 -0.82
N GLY B 174 21.66 -8.79 -0.06
CA GLY B 174 20.33 -9.28 0.27
C GLY B 174 19.36 -9.66 -0.88
N SER B 175 18.36 -10.46 -0.49
CA SER B 175 17.30 -10.92 -1.39
C SER B 175 16.44 -9.69 -1.74
N VAL B 176 16.23 -9.48 -3.02
CA VAL B 176 15.44 -8.35 -3.41
C VAL B 176 14.06 -8.56 -2.87
N LEU B 177 13.67 -9.83 -2.97
CA LEU B 177 12.37 -10.33 -2.56
C LEU B 177 12.17 -10.29 -1.05
N GLY B 178 13.10 -10.89 -0.30
CA GLY B 178 12.93 -10.87 1.14
C GLY B 178 12.86 -9.46 1.70
N ASN B 179 13.77 -8.63 1.21
CA ASN B 179 13.86 -7.27 1.67
C ASN B 179 12.54 -6.59 1.41
N ALA B 180 11.88 -6.97 0.33
CA ALA B 180 10.63 -6.26 0.12
C ALA B 180 9.47 -6.54 1.02
N VAL B 181 9.40 -7.79 1.45
CA VAL B 181 8.33 -8.27 2.33
C VAL B 181 8.62 -7.81 3.74
N GLU B 182 9.91 -7.60 3.98
CA GLU B 182 10.40 -7.09 5.26
C GLU B 182 10.14 -5.58 5.35
N ARG B 183 9.83 -5.01 4.19
CA ARG B 183 9.55 -3.59 4.02
C ARG B 183 10.82 -2.73 4.15
N GLY B 184 11.91 -3.35 3.70
CA GLY B 184 13.24 -2.77 3.69
C GLY B 184 13.34 -1.41 3.01
N VAL B 185 14.57 -0.89 3.01
CA VAL B 185 14.75 0.42 2.41
C VAL B 185 15.99 0.56 1.59
N GLY B 186 15.79 1.36 0.56
CA GLY B 186 16.78 1.71 -0.45
C GLY B 186 16.78 3.18 -0.83
N TYR B 187 17.86 3.51 -1.50
CA TYR B 187 18.08 4.88 -1.88
C TYR B 187 17.48 5.79 -2.95
N THR B 188 17.18 5.28 -4.14
CA THR B 188 16.61 6.06 -5.23
C THR B 188 15.19 6.41 -4.83
N PRO B 189 14.46 6.95 -5.78
CA PRO B 189 13.07 7.33 -5.59
C PRO B 189 12.16 6.08 -5.51
N TYR B 190 12.77 4.95 -5.80
CA TYR B 190 12.14 3.64 -5.75
C TYR B 190 12.65 3.06 -4.45
N GLY B 191 12.91 3.93 -3.47
CA GLY B 191 13.43 3.46 -2.19
C GLY B 191 12.54 2.58 -1.31
N ASP B 192 11.24 2.86 -1.37
CA ASP B 192 10.33 2.09 -0.54
C ASP B 192 10.13 0.72 -1.14
N HIS B 193 10.96 -0.25 -0.78
CA HIS B 193 10.76 -1.54 -1.39
C HIS B 193 9.42 -2.22 -1.47
N TRP B 194 8.76 -2.36 -0.33
CA TRP B 194 7.48 -3.01 -0.28
C TRP B 194 6.60 -2.30 -1.27
N MET B 195 6.42 -1.01 -1.12
CA MET B 195 5.60 -0.31 -2.08
C MET B 195 5.91 -0.52 -3.54
N MET B 196 7.10 -1.01 -3.87
CA MET B 196 7.40 -1.20 -5.27
C MET B 196 6.96 -2.52 -5.86
N HIS B 197 6.35 -3.34 -5.02
CA HIS B 197 5.89 -4.63 -5.45
C HIS B 197 4.48 -4.50 -6.04
N SER B 198 4.23 -5.45 -6.92
CA SER B 198 2.99 -5.63 -7.65
C SER B 198 3.04 -7.11 -8.04
N GLY B 199 2.04 -7.85 -7.55
CA GLY B 199 1.83 -9.27 -7.77
C GLY B 199 2.82 -10.22 -7.11
N MET B 200 2.29 -10.96 -6.15
CA MET B 200 3.10 -11.91 -5.46
C MET B 200 2.49 -13.27 -5.35
N GLU B 201 3.38 -14.18 -5.01
CA GLU B 201 2.94 -15.53 -4.91
C GLU B 201 3.49 -16.16 -3.68
N VAL B 202 2.55 -16.88 -3.08
CA VAL B 202 2.83 -17.58 -1.86
C VAL B 202 2.11 -18.90 -1.61
N VAL B 203 2.85 -19.77 -0.93
CA VAL B 203 2.35 -21.09 -0.55
C VAL B 203 1.76 -20.75 0.82
N LEU B 204 0.43 -20.74 0.94
CA LEU B 204 -0.22 -20.44 2.20
C LEU B 204 0.08 -21.68 3.01
N ALA B 205 -0.34 -21.62 4.26
CA ALA B 205 -0.15 -22.70 5.24
C ALA B 205 -0.74 -24.10 4.92
N ASN B 206 -1.91 -24.13 4.30
CA ASN B 206 -2.57 -25.36 3.95
C ASN B 206 -1.82 -25.96 2.80
N GLY B 207 -0.74 -25.28 2.39
CA GLY B 207 0.06 -25.77 1.27
C GLY B 207 -0.49 -25.21 -0.06
N GLU B 208 -1.65 -24.58 -0.02
CA GLU B 208 -2.24 -24.01 -1.23
C GLU B 208 -1.54 -22.76 -1.72
N LEU B 209 -1.36 -22.65 -3.05
CA LEU B 209 -0.70 -21.50 -3.73
C LEU B 209 -1.64 -20.30 -3.89
N LEU B 210 -1.06 -19.11 -3.89
CA LEU B 210 -1.88 -17.94 -4.03
C LEU B 210 -1.05 -16.86 -4.74
N ARG B 211 -1.74 -16.02 -5.48
CA ARG B 211 -1.05 -14.99 -6.21
C ARG B 211 -2.01 -13.89 -5.95
N THR B 212 -1.40 -12.77 -5.65
CA THR B 212 -2.13 -11.60 -5.33
C THR B 212 -2.51 -10.62 -6.37
N GLY B 213 -3.47 -9.80 -5.93
CA GLY B 213 -4.02 -8.72 -6.71
C GLY B 213 -4.49 -9.28 -8.03
N MET B 214 -3.92 -8.65 -9.06
CA MET B 214 -4.18 -8.97 -10.45
C MET B 214 -3.57 -10.31 -10.74
N GLY B 215 -2.79 -10.82 -9.80
CA GLY B 215 -2.15 -12.12 -9.99
C GLY B 215 -3.24 -13.20 -10.01
N ALA B 216 -4.39 -12.87 -9.43
CA ALA B 216 -5.58 -13.72 -9.34
C ALA B 216 -6.32 -13.78 -10.67
N LEU B 217 -6.20 -12.68 -11.41
CA LEU B 217 -6.84 -12.67 -12.69
C LEU B 217 -5.85 -13.51 -13.53
N PRO B 218 -6.30 -14.69 -13.96
CA PRO B 218 -5.45 -15.57 -14.74
C PRO B 218 -5.13 -15.20 -16.22
N ASP B 219 -3.92 -15.51 -16.64
CA ASP B 219 -3.51 -15.22 -18.01
C ASP B 219 -4.41 -16.08 -18.88
N PRO B 220 -4.97 -15.53 -19.94
CA PRO B 220 -5.81 -16.36 -20.76
C PRO B 220 -5.02 -17.56 -21.27
N LYS B 221 -5.78 -18.60 -21.61
CA LYS B 221 -5.24 -19.86 -22.11
C LYS B 221 -4.64 -19.81 -23.51
N ARG B 222 -3.69 -20.71 -23.69
CA ARG B 222 -3.07 -20.77 -24.98
C ARG B 222 -2.19 -21.99 -25.06
N PRO B 223 -2.32 -22.58 -26.21
CA PRO B 223 -1.68 -23.80 -26.63
C PRO B 223 -0.33 -23.97 -26.04
N GLU B 224 0.43 -22.90 -25.94
CA GLU B 224 1.78 -22.98 -25.36
C GLU B 224 1.92 -23.09 -23.81
N THR B 225 0.84 -22.67 -23.14
CA THR B 225 0.70 -22.67 -21.70
C THR B 225 -0.06 -23.86 -21.13
N MET B 226 -0.54 -24.72 -21.99
CA MET B 226 -1.25 -25.85 -21.46
C MET B 226 -0.45 -26.80 -20.54
N GLY B 227 -1.12 -27.28 -19.50
CA GLY B 227 -0.48 -28.23 -18.61
C GLY B 227 0.70 -27.96 -17.69
N LEU B 228 0.97 -26.68 -17.50
CA LEU B 228 2.06 -26.21 -16.67
C LEU B 228 1.52 -26.11 -15.27
N LYS B 229 2.33 -26.51 -14.29
CA LYS B 229 1.85 -26.40 -12.94
C LYS B 229 1.52 -24.93 -12.68
N PRO B 230 0.54 -24.69 -11.83
CA PRO B 230 0.06 -23.35 -11.49
C PRO B 230 1.22 -22.42 -11.19
N GLU B 231 2.17 -23.06 -10.52
CA GLU B 231 3.44 -22.46 -10.13
C GLU B 231 4.13 -21.88 -11.36
N ASP B 232 4.33 -22.74 -12.34
CA ASP B 232 4.98 -22.33 -13.57
C ASP B 232 4.08 -21.59 -14.52
N GLN B 233 2.84 -21.31 -14.16
CA GLN B 233 2.10 -20.61 -15.19
C GLN B 233 2.47 -19.15 -15.35
N PRO B 234 2.42 -18.58 -16.55
CA PRO B 234 2.79 -17.18 -16.62
C PRO B 234 1.71 -16.40 -15.90
N TRP B 235 1.99 -15.12 -15.85
CA TRP B 235 1.07 -14.23 -15.23
C TRP B 235 0.36 -13.49 -16.30
N SER B 236 -0.71 -12.86 -15.85
CA SER B 236 -1.61 -12.03 -16.61
C SER B 236 -0.78 -10.83 -16.94
N LYS B 237 -1.25 -10.03 -17.89
CA LYS B 237 -0.58 -8.81 -18.33
C LYS B 237 -0.40 -7.80 -17.21
N ILE B 238 -1.54 -7.32 -16.72
CA ILE B 238 -1.65 -6.36 -15.63
C ILE B 238 -1.12 -6.83 -14.24
N ALA B 239 -0.83 -8.14 -14.08
CA ALA B 239 -0.35 -8.74 -12.83
C ALA B 239 0.69 -7.92 -12.05
N HIS B 240 1.71 -7.49 -12.77
CA HIS B 240 2.75 -6.70 -12.18
C HIS B 240 2.72 -5.21 -12.46
N LEU B 241 1.58 -4.62 -12.80
CA LEU B 241 1.64 -3.19 -13.09
C LEU B 241 0.57 -2.57 -12.26
N PHE B 242 -0.09 -3.45 -11.53
CA PHE B 242 -1.14 -2.93 -10.69
C PHE B 242 -1.25 -4.07 -9.70
N PRO B 243 -1.03 -3.60 -8.49
CA PRO B 243 -1.02 -4.37 -7.27
C PRO B 243 -2.35 -4.72 -6.66
N TYR B 244 -3.34 -3.85 -6.79
CA TYR B 244 -4.62 -4.14 -6.20
C TYR B 244 -5.60 -5.21 -6.65
N GLY B 245 -5.81 -5.46 -7.95
CA GLY B 245 -6.83 -6.50 -8.14
C GLY B 245 -8.23 -5.90 -7.80
N PHE B 246 -9.15 -6.70 -7.25
CA PHE B 246 -10.51 -6.29 -6.91
C PHE B 246 -10.94 -6.78 -5.50
N GLY B 247 -11.74 -6.04 -4.73
CA GLY B 247 -12.10 -6.52 -3.40
C GLY B 247 -10.87 -6.50 -2.45
N PRO B 248 -10.97 -6.98 -1.21
CA PRO B 248 -9.86 -6.97 -0.25
C PRO B 248 -8.44 -7.07 -0.75
N TYR B 249 -7.67 -6.02 -0.42
CA TYR B 249 -6.26 -5.95 -0.79
C TYR B 249 -5.44 -6.61 0.28
N ILE B 250 -5.21 -7.91 0.10
CA ILE B 250 -4.46 -8.69 1.08
C ILE B 250 -2.95 -8.79 1.05
N ASP B 251 -2.28 -8.17 0.09
CA ASP B 251 -0.82 -8.34 0.08
C ASP B 251 -0.08 -8.13 1.41
N GLY B 252 -0.45 -7.06 2.10
CA GLY B 252 0.12 -6.70 3.39
C GLY B 252 0.11 -7.80 4.43
N LEU B 253 -0.85 -8.72 4.39
CA LEU B 253 -0.88 -9.79 5.38
C LEU B 253 0.40 -10.58 5.16
N PHE B 254 0.96 -10.39 3.98
CA PHE B 254 2.19 -11.04 3.54
C PHE B 254 3.53 -10.45 3.87
N SER B 255 3.56 -9.21 4.36
CA SER B 255 4.83 -8.58 4.74
C SER B 255 5.04 -8.56 6.29
N GLN B 256 6.22 -8.95 6.75
CA GLN B 256 6.48 -8.94 8.18
C GLN B 256 5.41 -9.64 8.97
N SER B 257 5.02 -10.81 8.46
CA SER B 257 3.99 -11.56 9.14
C SER B 257 4.45 -12.98 8.90
N ASN B 258 3.56 -13.87 9.27
CA ASN B 258 3.80 -15.29 9.14
C ASN B 258 2.53 -15.87 8.54
N MET B 259 1.89 -15.11 7.70
CA MET B 259 0.71 -15.56 7.01
C MET B 259 1.10 -16.40 5.80
N GLY B 260 2.34 -16.51 5.37
CA GLY B 260 2.59 -17.37 4.21
C GLY B 260 4.02 -17.58 3.69
N ILE B 261 4.23 -18.53 2.78
CA ILE B 261 5.60 -18.64 2.31
C ILE B 261 5.62 -18.09 0.90
N VAL B 262 6.30 -16.96 0.71
CA VAL B 262 6.37 -16.31 -0.61
C VAL B 262 7.41 -16.91 -1.52
N THR B 263 6.90 -17.24 -2.69
CA THR B 263 7.72 -17.83 -3.71
C THR B 263 8.14 -16.87 -4.79
N LYS B 264 7.33 -15.84 -5.02
CA LYS B 264 7.72 -14.93 -6.07
C LYS B 264 7.10 -13.63 -5.88
N ILE B 265 7.77 -12.70 -6.56
CA ILE B 265 7.32 -11.34 -6.53
C ILE B 265 7.73 -10.36 -7.63
N GLY B 266 6.75 -9.51 -7.94
CA GLY B 266 6.77 -8.42 -8.91
C GLY B 266 7.27 -7.13 -8.25
N ILE B 267 8.44 -6.71 -8.74
CA ILE B 267 9.11 -5.51 -8.29
C ILE B 267 9.28 -4.43 -9.32
N TRP B 268 8.73 -3.26 -9.04
CA TRP B 268 8.94 -2.24 -10.02
C TRP B 268 10.33 -1.72 -10.23
N LEU B 269 10.66 -1.62 -11.51
CA LEU B 269 11.94 -1.07 -11.90
C LEU B 269 11.86 0.39 -12.31
N MET B 270 12.90 1.10 -11.89
CA MET B 270 12.96 2.51 -12.21
C MET B 270 13.70 2.74 -13.51
N PRO B 271 12.97 3.35 -14.43
CA PRO B 271 13.49 3.68 -15.73
C PRO B 271 14.58 4.71 -15.57
N ASN B 272 15.65 4.41 -16.29
CA ASN B 272 16.78 5.27 -16.29
C ASN B 272 16.14 6.59 -16.65
N PRO B 273 16.38 7.48 -15.71
CA PRO B 273 15.94 8.86 -15.62
C PRO B 273 16.52 9.96 -16.49
N ARG B 274 17.60 9.69 -17.22
CA ARG B 274 18.12 10.78 -18.03
C ARG B 274 18.74 11.98 -17.29
N GLY B 275 19.63 11.68 -16.34
CA GLY B 275 20.34 12.69 -15.55
C GLY B 275 20.39 12.19 -14.11
N TYR B 276 21.53 12.28 -13.43
CA TYR B 276 21.69 11.84 -12.02
C TYR B 276 22.83 12.54 -11.38
N GLN B 277 22.61 13.07 -10.18
CA GLN B 277 23.74 13.74 -9.55
C GLN B 277 23.67 13.51 -8.05
N SER B 278 24.67 12.82 -7.53
CA SER B 278 24.74 12.53 -6.10
C SER B 278 25.51 13.63 -5.37
N TYR B 279 25.38 13.64 -4.06
CA TYR B 279 26.09 14.64 -3.29
C TYR B 279 26.01 14.48 -1.79
N LEU B 280 26.65 15.48 -1.17
CA LEU B 280 26.77 15.63 0.26
C LEU B 280 26.68 17.07 0.68
N ILE B 281 26.17 17.26 1.86
CA ILE B 281 26.01 18.58 2.38
C ILE B 281 26.49 18.30 3.80
N THR B 282 27.74 18.64 4.13
CA THR B 282 28.24 18.38 5.49
C THR B 282 27.67 19.34 6.49
N LEU B 283 27.28 18.77 7.62
CA LEU B 283 26.73 19.61 8.69
C LEU B 283 27.80 19.69 9.79
N PRO B 284 28.19 20.92 10.13
CA PRO B 284 29.20 21.23 11.12
C PRO B 284 28.93 20.90 12.62
N LYS B 285 27.85 21.44 13.20
CA LYS B 285 27.46 21.20 14.59
C LYS B 285 26.48 20.04 14.84
N ASP B 286 26.69 19.32 15.94
CA ASP B 286 25.83 18.19 16.29
C ASP B 286 24.35 18.63 16.28
N GLY B 287 24.11 19.88 16.67
CA GLY B 287 22.77 20.48 16.73
C GLY B 287 22.20 21.00 15.41
N ASP B 288 23.02 20.84 14.37
CA ASP B 288 22.64 21.27 13.04
C ASP B 288 21.53 20.35 12.51
N LEU B 289 21.67 19.13 13.04
CA LEU B 289 20.78 18.04 12.81
C LEU B 289 19.41 18.70 13.01
N LYS B 290 19.27 19.54 14.02
CA LYS B 290 17.96 20.13 14.11
C LYS B 290 17.37 20.96 13.01
N GLN B 291 18.11 21.98 12.61
CA GLN B 291 17.59 22.86 11.57
C GLN B 291 17.56 22.16 10.21
N ALA B 292 18.51 21.26 10.01
CA ALA B 292 18.56 20.55 8.74
C ALA B 292 17.22 19.91 8.42
N VAL B 293 16.63 19.33 9.46
CA VAL B 293 15.35 18.66 9.31
C VAL B 293 14.17 19.57 9.01
N ASP B 294 14.16 20.68 9.73
CA ASP B 294 13.07 21.61 9.51
C ASP B 294 13.27 22.00 8.05
N ILE B 295 14.52 21.89 7.60
CA ILE B 295 14.87 22.20 6.23
C ILE B 295 14.37 21.14 5.25
N ILE B 296 14.92 19.95 5.41
CA ILE B 296 14.62 18.80 4.60
C ILE B 296 13.13 18.51 4.54
N ARG B 297 12.46 18.95 5.58
CA ARG B 297 11.07 18.65 5.53
C ARG B 297 10.11 19.02 4.43
N PRO B 298 10.11 20.26 4.00
CA PRO B 298 9.20 20.67 2.96
C PRO B 298 9.75 20.38 1.56
N LEU B 299 11.04 20.11 1.51
CA LEU B 299 11.61 19.81 0.22
C LEU B 299 11.18 18.42 -0.19
N ARG B 300 11.22 17.52 0.78
CA ARG B 300 10.80 16.16 0.49
C ARG B 300 9.31 16.18 0.15
N LEU B 301 8.53 16.82 1.00
CA LEU B 301 7.11 16.87 0.68
C LEU B 301 6.89 17.57 -0.65
N GLY B 302 7.64 18.61 -0.96
CA GLY B 302 7.43 19.27 -2.25
C GLY B 302 8.04 18.41 -3.35
N MET B 303 8.77 17.38 -2.97
CA MET B 303 9.38 16.55 -3.96
C MET B 303 10.58 17.23 -4.54
N ALA B 304 10.99 18.30 -3.90
CA ALA B 304 12.17 18.96 -4.41
C ALA B 304 13.16 17.82 -4.05
N LEU B 305 12.97 17.21 -2.88
CA LEU B 305 13.80 16.10 -2.41
C LEU B 305 13.37 14.82 -3.13
N GLN B 306 14.24 14.32 -4.00
CA GLN B 306 13.94 13.14 -4.80
C GLN B 306 13.86 11.71 -4.32
N ASN B 307 15.01 11.22 -3.92
CA ASN B 307 15.04 9.86 -3.45
C ASN B 307 14.88 10.07 -1.96
N VAL B 308 15.34 9.08 -1.21
CA VAL B 308 15.26 9.15 0.24
C VAL B 308 16.54 9.84 0.74
N PRO B 309 16.38 10.97 1.40
CA PRO B 309 17.51 11.69 1.96
C PRO B 309 17.96 10.86 3.16
N THR B 310 19.22 10.90 3.52
CA THR B 310 19.60 10.12 4.68
C THR B 310 20.58 11.14 5.29
N ILE B 311 20.63 11.18 6.61
CA ILE B 311 21.50 12.14 7.23
C ILE B 311 22.27 11.31 8.24
N ARG B 312 23.51 11.02 7.87
CA ARG B 312 24.43 10.22 8.65
C ARG B 312 25.22 10.80 9.77
N HIS B 313 25.42 10.00 10.81
CA HIS B 313 26.20 10.50 11.90
C HIS B 313 27.64 10.17 11.49
N ILE B 314 28.50 11.13 11.81
CA ILE B 314 29.92 11.07 11.47
C ILE B 314 30.59 9.73 11.59
N LEU B 315 30.33 9.11 12.70
CA LEU B 315 30.97 7.83 12.89
C LEU B 315 30.59 6.73 11.91
N LEU B 316 29.36 6.83 11.41
CA LEU B 316 28.91 5.82 10.50
C LEU B 316 29.92 5.91 9.36
N ASP B 317 30.08 7.13 8.92
CA ASP B 317 31.02 7.29 7.87
C ASP B 317 32.40 6.93 8.32
N ALA B 318 32.71 7.40 9.50
CA ALA B 318 34.03 7.09 10.00
C ALA B 318 34.24 5.61 10.10
N ALA B 319 33.24 4.92 10.62
CA ALA B 319 33.40 3.49 10.79
C ALA B 319 33.48 2.79 9.46
N VAL B 320 32.77 3.39 8.50
CA VAL B 320 32.77 2.84 7.18
C VAL B 320 34.24 3.00 6.82
N LEU B 321 34.81 4.07 7.35
CA LEU B 321 36.20 4.40 7.14
C LEU B 321 37.32 3.61 7.83
N GLY B 322 37.16 3.19 9.08
CA GLY B 322 38.23 2.44 9.74
C GLY B 322 37.66 1.95 11.07
N ASP B 323 38.39 1.11 11.79
CA ASP B 323 37.83 0.65 13.05
C ASP B 323 37.89 1.74 14.10
N LYS B 324 37.17 1.57 15.19
CA LYS B 324 37.19 2.58 16.24
C LYS B 324 38.60 2.75 16.78
N ARG B 325 39.30 1.63 16.85
CA ARG B 325 40.66 1.63 17.36
C ARG B 325 41.58 2.49 16.52
N SER B 326 41.42 2.40 15.21
CA SER B 326 42.18 3.15 14.20
C SER B 326 41.85 4.63 14.33
N TYR B 327 41.20 4.97 15.42
CA TYR B 327 40.81 6.35 15.67
C TYR B 327 40.97 6.74 17.18
N SER B 328 40.93 5.78 18.12
CA SER B 328 41.06 6.08 19.56
C SER B 328 40.89 4.92 20.53
N SER B 329 42.03 4.31 20.81
CA SER B 329 42.20 3.16 21.70
C SER B 329 41.73 3.69 23.06
N ARG B 330 40.44 3.51 23.26
CA ARG B 330 39.79 3.98 24.47
C ARG B 330 38.55 3.14 24.58
N THR B 331 38.64 2.25 25.54
CA THR B 331 37.55 1.35 25.79
C THR B 331 36.31 2.18 25.99
N GLU B 332 36.35 3.25 26.76
CA GLU B 332 35.09 3.96 26.79
C GLU B 332 34.59 4.55 25.45
N PRO B 333 33.36 5.04 25.31
CA PRO B 333 32.90 5.61 24.05
C PRO B 333 33.58 6.94 23.78
N LEU B 334 33.63 7.39 22.52
CA LEU B 334 34.26 8.67 22.16
C LEU B 334 33.56 9.97 22.62
N SER B 335 34.41 10.90 23.07
CA SER B 335 34.10 12.23 23.59
C SER B 335 33.46 13.08 22.54
N ASP B 336 32.62 14.04 22.95
CA ASP B 336 31.95 14.93 21.98
C ASP B 336 33.07 15.56 21.19
N GLU B 337 34.20 15.69 21.85
CA GLU B 337 35.35 16.29 21.19
C GLU B 337 36.10 15.50 20.17
N GLU B 338 36.45 14.24 20.45
CA GLU B 338 37.18 13.47 19.44
C GLU B 338 36.49 13.33 18.09
N LEU B 339 35.16 13.47 18.11
CA LEU B 339 34.33 13.39 16.92
C LEU B 339 34.69 14.53 15.99
N ASP B 340 34.48 15.75 16.51
CA ASP B 340 34.78 16.98 15.80
C ASP B 340 36.14 16.76 15.21
N LYS B 341 37.07 16.33 16.06
CA LYS B 341 38.40 16.08 15.55
C LYS B 341 38.18 15.07 14.43
N ILE B 342 37.43 14.02 14.69
CA ILE B 342 37.31 13.13 13.54
C ILE B 342 36.58 13.74 12.37
N ALA B 343 35.53 14.48 12.68
CA ALA B 343 34.70 15.12 11.67
C ALA B 343 35.60 15.91 10.75
N LYS B 344 36.62 16.54 11.32
CA LYS B 344 37.52 17.33 10.51
C LYS B 344 38.53 16.45 9.77
N GLN B 345 39.05 15.42 10.44
CA GLN B 345 40.03 14.52 9.83
C GLN B 345 39.59 13.97 8.48
N LEU B 346 38.26 13.89 8.33
CA LEU B 346 37.51 13.42 7.17
C LEU B 346 36.85 14.44 6.22
N ASN B 347 36.66 15.69 6.66
CA ASN B 347 36.03 16.68 5.80
C ASN B 347 34.52 16.68 5.73
N LEU B 348 34.03 15.92 6.69
CA LEU B 348 32.63 15.71 6.95
C LEU B 348 32.23 16.64 8.07
N GLY B 349 30.96 16.49 8.39
CA GLY B 349 30.28 17.20 9.45
C GLY B 349 30.01 16.19 10.61
N ARG B 350 29.17 16.68 11.51
CA ARG B 350 28.71 15.94 12.68
C ARG B 350 27.54 15.10 12.19
N TRP B 351 26.90 15.73 11.22
CA TRP B 351 25.73 15.24 10.53
C TRP B 351 26.10 15.32 9.08
N ASN B 352 25.69 14.28 8.37
CA ASN B 352 26.02 14.18 6.96
C ASN B 352 25.03 13.60 5.99
N PHE B 353 24.43 14.62 5.40
CA PHE B 353 23.40 14.48 4.43
C PHE B 353 23.74 14.17 2.99
N TYR B 354 23.37 12.97 2.57
CA TYR B 354 23.58 12.54 1.21
C TYR B 354 22.21 12.53 0.58
N GLY B 355 22.25 12.63 -0.75
CA GLY B 355 21.09 12.63 -1.65
C GLY B 355 21.57 12.51 -3.12
N ALA B 356 20.61 12.72 -4.03
CA ALA B 356 20.83 12.69 -5.48
C ALA B 356 19.64 13.41 -6.11
N LEU B 357 19.94 13.91 -7.29
CA LEU B 357 19.07 14.64 -8.20
C LEU B 357 18.78 13.64 -9.33
N TYR B 358 17.57 13.67 -9.89
CA TYR B 358 17.24 12.72 -10.94
C TYR B 358 16.62 13.36 -12.21
N GLY B 359 17.06 12.89 -13.37
CA GLY B 359 16.62 13.36 -14.68
C GLY B 359 17.34 14.55 -15.35
N PRO B 360 16.65 15.07 -16.36
CA PRO B 360 17.09 16.19 -17.18
C PRO B 360 17.59 17.35 -16.35
N GLU B 361 18.83 17.63 -16.68
CA GLU B 361 19.64 18.67 -16.08
C GLU B 361 18.95 20.01 -15.89
N PRO B 362 18.05 20.39 -16.79
CA PRO B 362 17.44 21.67 -16.60
C PRO B 362 16.65 21.57 -15.31
N ILE B 363 16.10 20.38 -15.02
CA ILE B 363 15.38 20.31 -13.75
C ILE B 363 16.37 20.00 -12.63
N ARG B 364 17.37 19.16 -12.87
CA ARG B 364 18.30 18.91 -11.78
C ARG B 364 18.92 20.20 -11.27
N ARG B 365 19.30 21.00 -12.25
CA ARG B 365 19.91 22.29 -12.03
C ARG B 365 19.05 23.12 -11.08
N VAL B 366 17.78 23.35 -11.42
CA VAL B 366 16.90 24.13 -10.54
C VAL B 366 16.76 23.60 -9.12
N LEU B 367 16.58 22.28 -9.08
CA LEU B 367 16.41 21.63 -7.80
C LEU B 367 17.57 21.93 -6.90
N TRP B 368 18.76 21.65 -7.43
CA TRP B 368 19.94 21.89 -6.67
C TRP B 368 20.01 23.32 -6.17
N GLU B 369 19.55 24.24 -6.99
CA GLU B 369 19.58 25.62 -6.55
C GLU B 369 18.77 25.72 -5.29
N THR B 370 17.51 25.35 -5.38
CA THR B 370 16.66 25.40 -4.21
C THR B 370 17.26 24.64 -2.99
N ILE B 371 17.88 23.51 -3.21
CA ILE B 371 18.43 22.81 -2.09
C ILE B 371 19.63 23.51 -1.52
N LYS B 372 20.63 23.68 -2.40
CA LYS B 372 21.92 24.30 -2.10
C LYS B 372 21.46 25.59 -1.46
N ASP B 373 20.65 26.32 -2.21
CA ASP B 373 20.12 27.53 -1.68
C ASP B 373 19.41 27.30 -0.34
N ALA B 374 18.74 26.17 -0.19
CA ALA B 374 18.03 25.91 1.08
C ALA B 374 18.87 25.76 2.35
N PHE B 375 19.83 24.85 2.26
CA PHE B 375 20.71 24.56 3.36
C PHE B 375 21.71 25.63 3.70
N SER B 376 21.61 26.76 3.01
CA SER B 376 22.53 27.84 3.25
C SER B 376 22.45 28.62 4.57
N ALA B 377 21.28 28.51 5.20
CA ALA B 377 20.95 29.12 6.49
C ALA B 377 21.72 28.42 7.62
N ILE B 378 22.31 27.29 7.23
CA ILE B 378 23.12 26.52 8.14
C ILE B 378 24.54 26.96 7.80
N PRO B 379 25.19 27.51 8.82
CA PRO B 379 26.55 28.00 8.70
C PRO B 379 27.60 26.93 8.51
N GLY B 380 28.69 27.19 7.79
CA GLY B 380 29.69 26.15 7.68
C GLY B 380 29.24 24.94 6.92
N VAL B 381 28.07 25.11 6.30
CA VAL B 381 27.48 24.06 5.49
C VAL B 381 28.41 23.97 4.28
N LYS B 382 28.58 22.77 3.75
CA LYS B 382 29.42 22.65 2.58
C LYS B 382 28.90 21.55 1.67
N PHE B 383 28.83 21.84 0.38
CA PHE B 383 28.33 20.92 -0.64
C PHE B 383 29.29 20.16 -1.51
N TYR B 384 29.00 18.91 -1.82
CA TYR B 384 29.97 18.21 -2.65
C TYR B 384 29.48 17.21 -3.65
N PHE B 385 30.33 16.89 -4.59
CA PHE B 385 29.93 15.93 -5.58
C PHE B 385 31.12 15.04 -5.34
N PRO B 386 30.81 13.77 -5.54
CA PRO B 386 31.73 12.65 -5.35
C PRO B 386 33.11 13.02 -5.81
N GLU B 387 33.16 13.81 -6.87
CA GLU B 387 34.44 14.22 -7.41
C GLU B 387 35.17 15.13 -6.40
N ASP B 388 34.42 16.01 -5.75
CA ASP B 388 35.01 16.90 -4.75
C ASP B 388 35.45 16.13 -3.51
N THR B 389 35.62 14.82 -3.61
CA THR B 389 36.02 14.07 -2.42
C THR B 389 36.99 12.91 -2.62
N PRO B 390 37.69 12.60 -1.54
CA PRO B 390 38.69 11.54 -1.49
C PRO B 390 38.28 10.23 -2.15
N GLU B 391 39.24 9.36 -2.40
CA GLU B 391 38.93 8.10 -3.04
C GLU B 391 38.21 7.10 -2.11
N ASN B 392 38.57 7.06 -0.83
CA ASN B 392 37.92 6.11 0.07
C ASN B 392 36.53 6.62 0.45
N SER B 393 36.28 7.85 0.00
CA SER B 393 35.04 8.54 0.25
C SER B 393 33.76 7.71 0.28
N VAL B 394 32.98 7.95 1.32
CA VAL B 394 31.72 7.28 1.51
C VAL B 394 30.84 7.73 0.36
N LEU B 395 30.83 9.05 0.11
CA LEU B 395 30.02 9.62 -0.97
C LEU B 395 30.30 8.88 -2.26
N ARG B 396 31.53 8.38 -2.41
CA ARG B 396 31.79 7.66 -3.65
C ARG B 396 30.83 6.52 -3.75
N VAL B 397 30.86 5.68 -2.72
CA VAL B 397 29.97 4.53 -2.67
C VAL B 397 28.51 4.98 -2.81
N ARG B 398 28.09 5.94 -1.99
CA ARG B 398 26.70 6.40 -2.11
C ARG B 398 26.22 6.85 -3.50
N ASP B 399 27.17 7.21 -4.36
CA ASP B 399 26.74 7.60 -5.69
C ASP B 399 26.27 6.30 -6.41
N LYS B 400 27.05 5.23 -6.32
CA LYS B 400 26.68 3.96 -6.94
C LYS B 400 25.31 3.62 -6.31
N THR B 401 25.29 3.76 -4.99
CA THR B 401 24.08 3.48 -4.25
C THR B 401 22.80 4.20 -4.66
N MET B 402 22.86 5.52 -4.75
CA MET B 402 21.68 6.29 -5.13
C MET B 402 21.28 6.07 -6.57
N GLN B 403 21.95 5.10 -7.15
CA GLN B 403 21.64 4.80 -8.53
C GLN B 403 21.52 3.33 -8.79
N GLY B 404 21.07 2.58 -7.80
CA GLY B 404 20.90 1.15 -7.97
C GLY B 404 22.22 0.41 -8.02
N ILE B 405 23.37 1.05 -7.93
CA ILE B 405 24.52 0.14 -7.99
C ILE B 405 24.88 -0.40 -6.61
N PRO B 406 24.79 -1.71 -6.48
CA PRO B 406 25.11 -2.37 -5.21
C PRO B 406 26.58 -2.40 -4.77
N THR B 407 26.86 -1.91 -3.55
CA THR B 407 28.20 -1.87 -2.96
C THR B 407 28.26 -3.07 -2.00
N TYR B 408 29.19 -3.01 -1.04
CA TYR B 408 29.40 -4.01 0.03
C TYR B 408 30.29 -3.39 1.09
N ASP B 409 30.69 -2.16 0.80
CA ASP B 409 31.58 -1.37 1.64
C ASP B 409 31.10 -0.93 3.01
N GLU B 410 29.79 -0.72 3.15
CA GLU B 410 29.28 -0.27 4.44
C GLU B 410 29.40 -1.29 5.59
N LEU B 411 29.53 -2.54 5.17
CA LEU B 411 29.69 -3.63 6.08
C LEU B 411 30.82 -3.33 7.05
N LYS B 412 31.87 -2.75 6.50
CA LYS B 412 33.07 -2.41 7.28
C LYS B 412 32.75 -1.68 8.56
N TRP B 413 31.62 -0.97 8.60
CA TRP B 413 31.32 -0.29 9.83
C TRP B 413 30.89 -1.31 10.91
N ILE B 414 30.55 -2.49 10.43
CA ILE B 414 30.14 -3.56 11.31
C ILE B 414 31.37 -3.94 12.12
N ASP B 415 32.51 -3.43 11.67
CA ASP B 415 33.82 -3.67 12.29
C ASP B 415 34.41 -2.83 13.43
N TRP B 416 33.76 -1.72 13.72
CA TRP B 416 34.15 -0.75 14.73
C TRP B 416 34.79 -1.40 15.93
N LEU B 417 34.05 -2.37 16.49
CA LEU B 417 34.52 -3.15 17.65
C LEU B 417 34.97 -4.51 17.20
N PRO B 418 36.13 -4.98 17.67
CA PRO B 418 36.72 -6.29 17.32
C PRO B 418 35.65 -7.34 17.05
N ASN B 419 34.84 -7.78 18.01
CA ASN B 419 33.86 -8.73 17.51
C ASN B 419 32.70 -7.88 17.10
N GLY B 420 32.54 -7.70 15.80
CA GLY B 420 31.46 -6.86 15.33
C GLY B 420 30.17 -7.65 15.10
N ALA B 421 29.09 -6.97 15.50
CA ALA B 421 27.81 -7.61 15.34
C ALA B 421 26.97 -6.32 15.33
N HIS B 422 26.16 -6.23 14.28
CA HIS B 422 25.34 -5.07 14.25
C HIS B 422 23.97 -5.39 14.82
N LEU B 423 23.39 -4.31 15.23
CA LEU B 423 22.05 -4.56 15.72
C LEU B 423 21.43 -3.19 15.48
N PHE B 424 20.15 -3.12 15.20
CA PHE B 424 19.68 -1.77 14.95
C PHE B 424 18.38 -1.63 15.65
N PHE B 425 18.27 -0.44 16.24
CA PHE B 425 17.13 0.10 16.98
C PHE B 425 16.58 1.08 15.95
N SER B 426 15.27 1.20 15.80
CA SER B 426 14.78 2.05 14.74
C SER B 426 13.41 2.65 14.89
N PRO B 427 13.31 3.41 15.93
CA PRO B 427 12.13 4.16 16.31
C PRO B 427 11.87 4.98 15.06
N ILE B 428 10.63 5.42 14.89
CA ILE B 428 10.33 6.18 13.70
C ILE B 428 9.87 7.45 14.31
N ALA B 429 10.30 8.54 13.71
CA ALA B 429 9.98 9.86 14.17
C ALA B 429 9.66 10.78 13.03
N LYS B 430 8.88 11.80 13.40
CA LYS B 430 8.44 12.82 12.47
C LYS B 430 9.61 13.55 11.88
N VAL B 431 9.30 14.20 10.76
CA VAL B 431 10.31 14.99 10.09
C VAL B 431 10.06 16.31 10.78
N SER B 432 10.79 16.55 11.87
CA SER B 432 10.76 17.72 12.76
C SER B 432 12.13 17.64 13.43
N GLY B 433 12.84 18.74 13.28
CA GLY B 433 14.20 18.87 13.80
C GLY B 433 14.15 18.69 15.28
N GLU B 434 13.06 19.20 15.84
CA GLU B 434 12.86 19.12 17.27
C GLU B 434 12.82 17.68 17.77
N ASP B 435 11.85 17.03 17.16
CA ASP B 435 11.51 15.67 17.44
C ASP B 435 12.76 14.87 17.11
N ALA B 436 13.36 15.19 15.98
CA ALA B 436 14.55 14.45 15.58
C ALA B 436 15.63 14.49 16.65
N MET B 437 15.81 15.69 17.17
CA MET B 437 16.79 16.04 18.16
C MET B 437 16.41 15.34 19.48
N MET B 438 15.13 15.56 19.82
CA MET B 438 14.45 15.04 20.99
C MET B 438 14.58 13.52 21.02
N GLN B 439 14.38 12.93 19.86
CA GLN B 439 14.50 11.50 19.81
C GLN B 439 15.92 11.07 20.17
N TYR B 440 16.83 11.55 19.34
CA TYR B 440 18.27 11.33 19.43
C TYR B 440 18.91 11.37 20.81
N ALA B 441 18.54 12.44 21.52
CA ALA B 441 19.02 12.74 22.86
C ALA B 441 18.89 11.46 23.63
N VAL B 442 17.64 11.03 23.65
CA VAL B 442 17.26 9.82 24.33
C VAL B 442 18.18 8.66 23.97
N THR B 443 18.22 8.39 22.69
CA THR B 443 18.99 7.31 22.10
C THR B 443 20.45 7.29 22.46
N LYS B 444 21.02 8.46 22.33
CA LYS B 444 22.41 8.59 22.61
C LYS B 444 22.74 8.33 24.10
N LYS B 445 21.96 9.01 24.94
CA LYS B 445 22.06 8.98 26.40
C LYS B 445 22.24 7.57 26.94
N ARG B 446 21.45 6.68 26.37
CA ARG B 446 21.46 5.29 26.73
C ARG B 446 22.69 4.58 26.19
N CYS B 447 23.07 4.95 24.96
CA CYS B 447 24.23 4.33 24.33
C CYS B 447 25.35 4.65 25.27
N GLN B 448 25.24 5.83 25.85
CA GLN B 448 26.24 6.27 26.81
C GLN B 448 26.27 5.22 27.90
N GLU B 449 25.16 5.31 28.63
CA GLU B 449 24.89 4.44 29.76
C GLU B 449 25.36 3.05 29.40
N ALA B 450 25.12 2.65 28.16
CA ALA B 450 25.55 1.35 27.66
C ALA B 450 27.05 1.14 27.48
N GLY B 451 27.83 2.20 27.58
CA GLY B 451 29.27 2.02 27.38
C GLY B 451 29.43 2.03 25.88
N LEU B 452 28.36 2.51 25.25
CA LEU B 452 28.20 2.66 23.81
C LEU B 452 28.35 3.89 22.96
N ASP B 453 29.01 3.70 21.83
CA ASP B 453 29.14 4.81 20.92
C ASP B 453 27.83 4.95 20.20
N PHE B 454 27.25 6.14 20.28
CA PHE B 454 26.01 6.29 19.58
C PHE B 454 26.52 6.24 18.15
N ILE B 455 25.73 5.69 17.24
CA ILE B 455 26.08 5.61 15.82
C ILE B 455 24.69 5.46 15.19
N GLY B 456 24.38 6.32 14.23
CA GLY B 456 23.04 6.21 13.66
C GLY B 456 22.75 7.19 12.53
N THR B 457 21.51 7.18 12.05
CA THR B 457 21.10 8.04 10.95
C THR B 457 19.63 8.12 10.78
N PHE B 458 19.19 9.27 10.28
CA PHE B 458 17.81 9.52 10.01
C PHE B 458 17.56 9.42 8.52
N THR B 459 16.95 8.33 8.06
CA THR B 459 16.70 8.29 6.64
C THR B 459 15.35 8.98 6.51
N VAL B 460 15.29 9.86 5.54
CA VAL B 460 14.02 10.49 5.50
C VAL B 460 12.91 9.95 4.65
N GLY B 461 11.85 9.63 5.37
CA GLY B 461 10.68 9.11 4.70
C GLY B 461 10.05 10.40 4.23
N MET B 462 9.05 10.30 3.38
CA MET B 462 8.39 11.49 2.92
C MET B 462 7.59 12.13 4.05
N ARG B 463 7.08 11.41 5.03
CA ARG B 463 6.33 12.25 5.95
C ARG B 463 6.64 11.71 7.32
N GLU B 464 7.69 10.90 7.36
CA GLU B 464 8.05 10.34 8.64
C GLU B 464 9.53 10.08 8.51
N MET B 465 10.21 9.85 9.63
CA MET B 465 11.64 9.58 9.53
C MET B 465 12.14 8.46 10.38
N HIS B 466 12.78 7.54 9.68
CA HIS B 466 13.37 6.35 10.29
C HIS B 466 14.76 6.52 10.93
N HIS B 467 14.86 6.65 12.26
CA HIS B 467 16.15 6.80 12.98
C HIS B 467 16.82 5.44 13.26
N ILE B 468 17.82 5.10 12.46
CA ILE B 468 18.49 3.84 12.66
C ILE B 468 19.67 3.81 13.60
N VAL B 469 19.41 3.45 14.85
CA VAL B 469 20.54 3.40 15.75
C VAL B 469 21.37 2.15 15.44
N CYS B 470 22.63 2.37 15.05
CA CYS B 470 23.51 1.27 14.73
C CYS B 470 24.37 0.91 15.91
N ILE B 471 24.01 -0.21 16.48
CA ILE B 471 24.71 -0.72 17.61
C ILE B 471 25.66 -1.83 17.23
N VAL B 472 26.96 -1.58 17.25
CA VAL B 472 27.85 -2.69 16.94
C VAL B 472 28.05 -3.16 18.36
N PHE B 473 28.71 -4.28 18.50
CA PHE B 473 28.96 -4.71 19.84
C PHE B 473 29.70 -5.94 19.40
N ASN B 474 30.47 -6.37 20.38
CA ASN B 474 31.34 -7.51 20.39
C ASN B 474 30.60 -8.84 20.64
N LYS B 475 30.41 -9.64 19.59
CA LYS B 475 29.71 -10.92 19.78
C LYS B 475 30.26 -11.94 20.82
N LYS B 476 31.45 -11.71 21.39
CA LYS B 476 32.08 -12.58 22.40
C LYS B 476 32.18 -12.15 23.89
N ASP B 477 31.87 -10.88 24.14
CA ASP B 477 31.86 -10.19 25.44
C ASP B 477 30.46 -10.18 26.07
N LEU B 478 30.14 -11.25 26.79
CA LEU B 478 28.85 -11.42 27.45
C LEU B 478 28.42 -10.23 28.30
N ILE B 479 29.39 -9.50 28.82
CA ILE B 479 29.05 -8.36 29.64
C ILE B 479 28.34 -7.28 28.82
N GLN B 480 28.93 -7.03 27.65
CA GLN B 480 28.44 -6.02 26.73
C GLN B 480 27.15 -6.38 26.08
N LYS B 481 27.09 -7.65 25.67
CA LYS B 481 25.89 -8.11 25.01
C LYS B 481 24.72 -7.87 25.92
N ARG B 482 24.89 -8.21 27.20
CA ARG B 482 23.79 -8.02 28.14
C ARG B 482 23.42 -6.52 28.24
N LYS B 483 24.49 -5.72 28.14
CA LYS B 483 24.38 -4.28 28.19
C LYS B 483 23.52 -3.87 27.01
N VAL B 484 23.77 -4.55 25.89
CA VAL B 484 23.03 -4.24 24.68
C VAL B 484 21.55 -4.57 24.77
N GLN B 485 21.26 -5.72 25.38
CA GLN B 485 19.89 -6.20 25.55
C GLN B 485 19.17 -5.21 26.48
N TRP B 486 19.93 -4.82 27.48
CA TRP B 486 19.36 -3.89 28.42
C TRP B 486 19.02 -2.63 27.65
N LEU B 487 20.02 -2.11 26.96
CA LEU B 487 19.91 -0.90 26.15
C LEU B 487 18.69 -0.97 25.22
N MET B 488 18.68 -2.08 24.50
CA MET B 488 17.60 -2.26 23.59
C MET B 488 16.24 -2.06 24.13
N ARG B 489 15.95 -3.03 24.99
CA ARG B 489 14.65 -3.08 25.61
C ARG B 489 14.33 -1.81 26.33
N THR B 490 15.41 -1.15 26.72
CA THR B 490 15.27 0.12 27.42
C THR B 490 14.79 1.18 26.46
N LEU B 491 15.54 1.31 25.36
CA LEU B 491 15.22 2.29 24.36
C LEU B 491 13.81 2.11 23.86
N ILE B 492 13.45 0.85 23.70
CA ILE B 492 12.11 0.53 23.20
C ILE B 492 11.08 1.21 24.10
N ASP B 493 11.28 1.03 25.40
CA ASP B 493 10.35 1.60 26.37
C ASP B 493 10.18 3.11 26.38
N ASP B 494 11.32 3.77 26.22
CA ASP B 494 11.42 5.21 26.20
C ASP B 494 10.79 5.71 24.95
N CYS B 495 11.23 5.11 23.84
CA CYS B 495 10.69 5.58 22.58
C CYS B 495 9.20 5.64 22.58
N ALA B 496 8.63 4.52 22.96
CA ALA B 496 7.20 4.44 23.06
C ALA B 496 6.67 5.43 24.08
N ALA B 497 7.45 5.69 25.12
CA ALA B 497 7.04 6.61 26.18
C ALA B 497 6.78 7.99 25.58
N ASN B 498 7.53 8.18 24.50
CA ASN B 498 7.52 9.37 23.68
C ASN B 498 6.66 9.24 22.41
N GLY B 499 6.07 8.07 22.21
CA GLY B 499 5.28 7.94 21.00
C GLY B 499 6.04 7.60 19.73
N TRP B 500 7.06 6.73 19.77
CA TRP B 500 7.78 6.39 18.54
C TRP B 500 7.88 4.90 18.57
N GLY B 501 7.52 4.32 17.43
CA GLY B 501 7.57 2.88 17.32
C GLY B 501 8.73 2.40 16.51
N GLU B 502 9.14 1.16 16.77
CA GLU B 502 10.21 0.68 15.94
C GLU B 502 9.43 0.08 14.77
N TYR B 503 10.07 -0.21 13.64
CA TYR B 503 9.25 -0.70 12.55
C TYR B 503 9.87 -1.98 12.13
N ARG B 504 10.94 -2.38 12.81
CA ARG B 504 11.53 -3.63 12.38
C ARG B 504 12.46 -4.11 13.48
N THR B 505 12.69 -5.40 13.64
CA THR B 505 13.53 -5.66 14.79
C THR B 505 14.06 -7.04 14.77
N HIS B 506 15.02 -7.23 15.65
CA HIS B 506 15.64 -8.50 15.74
C HIS B 506 14.65 -9.47 16.35
N LEU B 507 14.96 -10.76 16.21
CA LEU B 507 14.11 -11.82 16.71
C LEU B 507 13.80 -11.64 18.17
N ALA B 508 14.88 -11.48 18.90
CA ALA B 508 14.74 -11.33 20.32
C ALA B 508 13.94 -10.16 20.86
N PHE B 509 13.23 -9.36 20.05
CA PHE B 509 12.49 -8.23 20.62
C PHE B 509 11.16 -7.99 19.99
N MET B 510 10.88 -8.90 19.05
CA MET B 510 9.63 -8.80 18.32
C MET B 510 8.43 -8.57 19.21
N ASP B 511 8.53 -9.25 20.33
CA ASP B 511 7.49 -9.18 21.33
C ASP B 511 7.28 -7.90 22.04
N GLN B 512 8.42 -7.46 22.55
CA GLN B 512 8.46 -6.22 23.31
C GLN B 512 7.98 -5.25 22.28
N ILE B 513 8.49 -5.41 21.08
CA ILE B 513 8.03 -4.47 20.09
C ILE B 513 6.57 -4.48 19.76
N MET B 514 6.04 -5.68 19.55
CA MET B 514 4.64 -5.76 19.23
C MET B 514 3.78 -5.24 20.37
N GLU B 515 4.26 -5.43 21.59
CA GLU B 515 3.47 -4.94 22.70
C GLU B 515 3.37 -3.41 22.82
N THR B 516 4.32 -2.68 22.22
CA THR B 516 4.26 -1.23 22.33
C THR B 516 3.00 -0.76 21.66
N TYR B 517 2.72 -1.48 20.58
CA TYR B 517 1.58 -1.24 19.73
C TYR B 517 0.35 -1.66 20.43
N ASN B 518 0.25 -1.32 21.70
CA ASN B 518 -0.94 -1.72 22.43
C ASN B 518 -2.25 -0.96 22.51
N TRP B 519 -2.53 -0.08 21.56
CA TRP B 519 -3.77 0.67 21.64
C TRP B 519 -4.95 -0.25 21.86
N ASN B 520 -5.90 0.31 22.60
CA ASN B 520 -7.11 -0.35 22.98
C ASN B 520 -6.95 -1.79 23.38
N ASN B 521 -5.92 -2.02 24.18
CA ASN B 521 -5.75 -3.39 24.61
C ASN B 521 -5.27 -4.45 23.65
N SER B 522 -4.25 -4.20 22.85
CA SER B 522 -3.71 -5.20 21.94
C SER B 522 -4.61 -5.64 20.81
N SER B 523 -5.62 -4.81 20.72
CA SER B 523 -6.68 -4.95 19.76
C SER B 523 -6.21 -5.42 18.41
N PHE B 524 -5.08 -4.87 17.99
CA PHE B 524 -4.43 -5.19 16.74
C PHE B 524 -3.81 -6.56 16.89
N LEU B 525 -2.91 -6.76 17.84
CA LEU B 525 -2.29 -8.09 18.00
C LEU B 525 -3.32 -9.20 18.02
N ARG B 526 -4.35 -8.91 18.79
CA ARG B 526 -5.43 -9.87 18.89
C ARG B 526 -6.03 -10.19 17.53
N PHE B 527 -6.37 -9.15 16.79
CA PHE B 527 -6.98 -9.35 15.46
C PHE B 527 -6.09 -10.25 14.64
N ASN B 528 -4.82 -9.90 14.69
CA ASN B 528 -3.85 -10.64 13.94
C ASN B 528 -3.90 -12.08 14.31
N GLU B 529 -3.79 -12.33 15.60
CA GLU B 529 -3.80 -13.71 16.05
C GLU B 529 -4.94 -14.48 15.45
N VAL B 530 -6.10 -13.87 15.51
CA VAL B 530 -7.27 -14.49 14.96
C VAL B 530 -7.04 -14.89 13.52
N LEU B 531 -6.46 -13.99 12.74
CA LEU B 531 -6.23 -14.32 11.36
C LEU B 531 -5.19 -15.43 11.24
N LYS B 532 -4.09 -15.36 12.00
CA LYS B 532 -3.08 -16.40 11.88
C LYS B 532 -3.72 -17.74 12.22
N ASN B 533 -4.63 -17.64 13.18
CA ASN B 533 -5.26 -18.90 13.55
C ASN B 533 -6.03 -19.58 12.50
N ALA B 534 -6.97 -18.81 11.98
CA ALA B 534 -7.84 -19.24 10.91
C ALA B 534 -7.00 -19.86 9.79
N VAL B 535 -5.98 -19.14 9.36
CA VAL B 535 -5.13 -19.61 8.29
C VAL B 535 -4.02 -20.58 8.62
N ASP B 536 -3.60 -20.70 9.88
CA ASP B 536 -2.50 -21.62 10.12
C ASP B 536 -2.82 -22.31 11.43
N PRO B 537 -3.99 -22.91 11.33
CA PRO B 537 -4.70 -23.69 12.33
C PRO B 537 -3.60 -24.39 13.10
N ASN B 538 -2.63 -24.96 12.40
CA ASN B 538 -1.51 -25.61 13.07
C ASN B 538 -0.30 -24.84 13.53
N GLY B 539 -0.12 -23.55 13.26
CA GLY B 539 1.10 -22.89 13.73
C GLY B 539 2.45 -23.27 13.07
N ILE B 540 2.44 -24.04 12.00
CA ILE B 540 3.66 -24.44 11.34
C ILE B 540 4.48 -23.34 10.70
N ILE B 541 3.71 -22.39 10.24
CA ILE B 541 4.44 -21.34 9.60
C ILE B 541 5.03 -20.33 10.51
N ALA B 542 6.35 -20.31 10.53
CA ALA B 542 7.00 -19.29 11.32
C ALA B 542 6.38 -18.69 12.59
N PRO B 543 5.95 -19.54 13.50
CA PRO B 543 5.37 -19.01 14.74
C PRO B 543 6.40 -18.13 15.50
N GLY B 544 5.82 -17.10 16.12
CA GLY B 544 6.50 -16.08 16.90
C GLY B 544 6.88 -14.84 16.07
N LYS B 545 6.83 -14.91 14.75
CA LYS B 545 7.19 -13.75 13.94
C LYS B 545 6.29 -12.56 14.13
N SER B 546 6.98 -11.43 14.26
CA SER B 546 6.37 -10.11 14.46
C SER B 546 5.64 -10.23 15.78
N GLY B 547 6.14 -11.22 16.50
CA GLY B 547 5.62 -11.53 17.80
C GLY B 547 4.22 -12.06 17.67
N VAL B 548 3.88 -12.70 16.54
CA VAL B 548 2.53 -13.24 16.44
C VAL B 548 2.65 -14.77 16.70
N TRP B 549 1.81 -15.34 17.59
CA TRP B 549 1.87 -16.77 17.95
C TRP B 549 0.56 -17.56 17.83
N PRO B 550 0.66 -18.70 17.14
CA PRO B 550 -0.46 -19.62 16.91
C PRO B 550 -0.80 -20.09 18.31
N SER B 551 -2.09 -20.28 18.58
CA SER B 551 -2.57 -20.72 19.90
C SER B 551 -1.88 -21.97 20.40
N GLN B 552 -1.25 -22.69 19.48
CA GLN B 552 -0.53 -23.90 19.76
C GLN B 552 0.69 -23.53 20.60
N TYR B 553 1.01 -22.25 20.59
CA TYR B 553 2.12 -21.68 21.35
C TYR B 553 1.83 -20.91 22.63
N SER B 554 2.42 -21.36 23.72
CA SER B 554 2.25 -20.70 25.03
C SER B 554 2.76 -19.25 24.96
N HIS B 555 1.89 -18.27 25.18
CA HIS B 555 2.44 -16.94 25.11
C HIS B 555 3.36 -16.89 26.32
N VAL B 556 2.96 -17.67 27.31
CA VAL B 556 3.71 -17.75 28.56
C VAL B 556 5.09 -18.36 28.38
N THR B 557 5.13 -19.47 27.67
CA THR B 557 6.39 -20.14 27.45
C THR B 557 7.17 -19.42 26.37
N TRP B 558 6.41 -18.79 25.48
CA TRP B 558 7.05 -18.11 24.38
C TRP B 558 7.51 -16.69 24.29
N LYS B 559 6.71 -15.76 24.77
CA LYS B 559 7.14 -14.36 24.67
C LYS B 559 8.51 -14.09 25.35
N LEU B 560 8.96 -12.83 25.25
CA LEU B 560 10.21 -12.23 25.77
C LEU B 560 9.96 -10.72 25.66
#